data_5H1L
#
_entry.id   5H1L
#
_cell.length_a   59.535
_cell.length_b   124.790
_cell.length_c   61.016
_cell.angle_alpha   90.000
_cell.angle_beta   117.970
_cell.angle_gamma   90.000
#
_symmetry.space_group_name_H-M   'P 1 21 1'
#
loop_
_entity.id
_entity.type
_entity.pdbx_description
1 polymer 'Gem-associated protein 5'
2 polymer "U4 snRNA (5'-R(*AP*UP*UP*UP*UP*UP*G)-3')"
3 non-polymer GLYCEROL
4 water water
#
loop_
_entity_poly.entity_id
_entity_poly.type
_entity_poly.pdbx_seq_one_letter_code
_entity_poly.pdbx_strand_id
1 'polypeptide(L)'
;GAMGIRNSMGQEPRTLPPSPNWYCARCSDAVPGGLFGFAARTSVFLVRVGPGAGESPGTPPFRVIGELVGHTERVSGFTF
SHHPGQYNLCATSSDDGTVKIWDVETKTVVTEHALHQHTISTLHWSPRVKDLIVSGDEKGVVFCYWFNRNDSQHLFIEPR
TIFCLTCSPHHEDLVAIGYKDGIVVIIDISKKGEVIHRLRGHDDEIHSIAWCPLPGEDCLSINQEETSEEAEITNGNAVA
QAPVTKGCYLATGSKDQTIRIWSCSRGRGVMILKLPFLKRRGGGIDPTVKERLWLTLHWPSNQPTQLVSSCFGGELLQWD
LTQSWRRKYTLFSASSEGQNHSRIVFNLCPLQTEDDKQLLLSTSMDRDVKCWDIATLECSWTLPSLGGFAYSLAFSSVDI
GSLAIGVGDGMIRVWNTLSIKNNYDVKNFWQGVKSKVTALCWHPTKEGCLAFGTDDGKVGLYDTYSNKPPQISSTYHKKT
VYTLAWGPPVPPMSLGGEGDRPSLALYSCGGEGIVLQHNPWKLSGEAFDINKLIRDTNSIKYKLPVHTEISWKADGKIMA
LGNEDGSIEIFQIPNLKLICTIQQHHKLVNTISWHHEHGSQPELSYLMASGSNNAVIYVHNLKTVIESSPESPVTITEPY
RTLSGHTAKITSVAWSPHHDGRLVSASYDGTAQVWDALREEPLCNFRGHRGRLLCVAWSPLDPDCIYSGADDFCVHKWLT
SMQDHSRPPQGKKS
;
A
2 'polyribonucleotide' AUUUUUG B
#
# COMPACT_ATOMS: atom_id res chain seq x y z
N GLU A 12 0.20 14.23 14.68
CA GLU A 12 -0.10 12.80 14.71
C GLU A 12 0.33 12.09 13.43
N PRO A 13 1.11 11.01 13.57
CA PRO A 13 1.59 10.25 12.41
C PRO A 13 0.46 9.56 11.65
N ARG A 14 0.75 9.18 10.41
CA ARG A 14 -0.19 8.46 9.58
C ARG A 14 0.53 7.34 8.83
N THR A 15 -0.19 6.27 8.53
CA THR A 15 0.37 5.21 7.72
C THR A 15 -0.58 4.78 6.60
N LEU A 16 -0.06 4.80 5.39
CA LEU A 16 -0.71 4.21 4.25
C LEU A 16 -0.09 2.82 4.10
N PRO A 17 -0.82 1.78 4.53
CA PRO A 17 -0.37 0.40 4.71
C PRO A 17 -0.41 -0.46 3.43
N PRO A 18 0.22 -1.66 3.46
CA PRO A 18 0.12 -2.59 2.33
C PRO A 18 -1.30 -3.10 2.16
N SER A 19 -1.69 -3.43 0.93
CA SER A 19 -3.04 -3.91 0.65
C SER A 19 -3.39 -5.23 1.36
N PRO A 20 -4.63 -5.32 1.87
CA PRO A 20 -5.16 -6.62 2.34
C PRO A 20 -5.02 -7.69 1.26
N ASN A 21 -4.55 -8.88 1.64
CA ASN A 21 -4.33 -9.94 0.66
C ASN A 21 -5.63 -10.45 0.05
N TRP A 22 -5.52 -10.97 -1.15
CA TRP A 22 -6.67 -11.39 -1.96
C TRP A 22 -6.94 -12.89 -1.88
N TYR A 23 -8.17 -13.28 -2.18
CA TYR A 23 -8.54 -14.68 -2.36
C TYR A 23 -8.21 -15.53 -1.14
N CYS A 24 -8.41 -14.97 0.05
CA CYS A 24 -8.30 -15.71 1.28
C CYS A 24 -9.63 -15.70 1.99
N ALA A 25 -10.10 -16.89 2.36
CA ALA A 25 -11.43 -17.02 2.97
C ALA A 25 -11.52 -16.25 4.28
N ARG A 26 -10.46 -16.31 5.07
CA ARG A 26 -10.42 -15.55 6.32
C ARG A 26 -9.01 -15.02 6.60
N CYS A 27 -8.70 -13.83 6.10
CA CYS A 27 -7.38 -13.28 6.37
C CYS A 27 -7.49 -11.93 7.06
N SER A 28 -8.63 -11.70 7.70
CA SER A 28 -8.81 -10.53 8.55
C SER A 28 -9.89 -10.81 9.58
N ASP A 29 -9.86 -10.05 10.68
CA ASP A 29 -10.80 -10.31 11.78
C ASP A 29 -10.86 -9.08 12.68
N ALA A 30 -11.80 -9.08 13.62
CA ALA A 30 -11.91 -7.98 14.56
C ALA A 30 -12.44 -8.44 15.92
N VAL A 31 -11.97 -7.78 16.98
CA VAL A 31 -12.49 -7.98 18.32
C VAL A 31 -13.19 -6.72 18.83
N PRO A 32 -14.11 -6.88 19.82
CA PRO A 32 -14.89 -5.78 20.38
C PRO A 32 -14.04 -4.67 20.99
N GLY A 33 -14.56 -3.44 20.92
CA GLY A 33 -13.83 -2.29 21.44
C GLY A 33 -13.75 -1.10 20.48
N GLY A 34 -12.98 -1.26 19.40
CA GLY A 34 -12.35 -2.53 19.09
C GLY A 34 -11.13 -2.51 18.21
N LEU A 35 -10.65 -3.69 17.89
CA LEU A 35 -9.41 -3.83 17.15
C LEU A 35 -9.64 -4.62 15.87
N PHE A 36 -9.05 -4.16 14.77
CA PHE A 36 -9.16 -4.84 13.48
C PHE A 36 -7.77 -5.28 13.02
N GLY A 37 -7.68 -6.51 12.52
CA GLY A 37 -6.42 -7.00 12.02
C GLY A 37 -6.60 -7.50 10.60
N PHE A 38 -5.69 -7.14 9.70
CA PHE A 38 -5.76 -7.70 8.34
C PHE A 38 -4.41 -8.13 7.80
N ALA A 39 -4.39 -9.33 7.23
CA ALA A 39 -3.18 -9.86 6.60
C ALA A 39 -2.84 -9.02 5.37
N ALA A 40 -1.56 -8.75 5.18
CA ALA A 40 -1.08 -7.95 4.07
C ALA A 40 0.37 -8.31 3.85
N ARG A 41 0.66 -8.81 2.65
CA ARG A 41 1.96 -9.39 2.35
C ARG A 41 2.32 -10.42 3.40
N THR A 42 3.44 -10.19 4.07
CA THR A 42 3.96 -11.14 5.05
C THR A 42 3.60 -10.78 6.49
N SER A 43 2.75 -9.78 6.68
CA SER A 43 2.46 -9.34 8.04
C SER A 43 0.96 -9.21 8.31
N VAL A 44 0.60 -8.92 9.55
CA VAL A 44 -0.78 -8.54 9.84
C VAL A 44 -0.78 -7.13 10.36
N PHE A 45 -1.62 -6.26 9.82
CA PHE A 45 -1.65 -4.90 10.33
C PHE A 45 -2.81 -4.72 11.29
N LEU A 46 -2.54 -3.99 12.36
CA LEU A 46 -3.52 -3.73 13.41
C LEU A 46 -4.01 -2.27 13.39
N VAL A 47 -5.33 -2.13 13.39
CA VAL A 47 -6.04 -0.86 13.28
C VAL A 47 -7.03 -0.69 14.44
N ARG A 48 -6.82 0.33 15.25
CA ARG A 48 -7.75 0.64 16.33
C ARG A 48 -8.96 1.38 15.77
N VAL A 49 -10.15 0.91 16.12
CA VAL A 49 -11.38 1.53 15.67
C VAL A 49 -12.26 1.93 16.85
N GLY A 50 -12.86 3.10 16.77
CA GLY A 50 -13.81 3.55 17.78
C GLY A 50 -13.24 4.68 18.62
N PRO A 51 -13.92 4.99 19.73
CA PRO A 51 -13.51 6.02 20.69
C PRO A 51 -12.03 5.91 21.09
N GLY A 52 -11.54 4.68 21.21
CA GLY A 52 -10.16 4.44 21.58
C GLY A 52 -9.12 4.87 20.55
N ALA A 53 -9.56 5.26 19.36
CA ALA A 53 -8.64 5.76 18.34
C ALA A 53 -8.23 7.20 18.65
N GLY A 54 -9.05 7.89 19.44
CA GLY A 54 -8.78 9.26 19.83
C GLY A 54 -8.72 10.22 18.67
N GLU A 55 -9.81 10.30 17.92
CA GLU A 55 -9.88 11.21 16.79
C GLU A 55 -10.89 12.34 17.02
N SER A 56 -10.69 13.45 16.33
CA SER A 56 -11.60 14.59 16.36
C SER A 56 -12.99 14.18 15.87
N PRO A 57 -14.04 14.83 16.39
CA PRO A 57 -15.42 14.57 15.93
C PRO A 57 -15.60 14.76 14.42
N GLY A 58 -14.70 15.51 13.79
CA GLY A 58 -14.71 15.67 12.35
C GLY A 58 -14.17 14.45 11.64
N THR A 59 -12.91 14.11 11.89
CA THR A 59 -12.24 13.02 11.21
C THR A 59 -12.72 11.64 11.69
N PRO A 60 -12.64 10.61 10.81
CA PRO A 60 -13.10 9.26 11.17
C PRO A 60 -12.29 8.61 12.29
N PRO A 61 -12.95 7.78 13.10
CA PRO A 61 -12.34 7.22 14.32
C PRO A 61 -11.56 5.92 14.10
N PHE A 62 -10.44 5.98 13.40
CA PHE A 62 -9.54 4.83 13.29
C PHE A 62 -8.09 5.25 13.23
N ARG A 63 -7.20 4.35 13.61
CA ARG A 63 -5.77 4.58 13.55
C ARG A 63 -5.00 3.28 13.35
N VAL A 64 -4.06 3.27 12.41
CA VAL A 64 -3.16 2.13 12.23
C VAL A 64 -2.16 2.08 13.38
N ILE A 65 -2.24 1.06 14.23
CA ILE A 65 -1.44 1.07 15.44
C ILE A 65 -0.42 -0.06 15.54
N GLY A 66 -0.54 -1.10 14.72
CA GLY A 66 0.38 -2.21 14.90
C GLY A 66 0.74 -3.05 13.70
N GLU A 67 1.73 -3.91 13.89
CA GLU A 67 2.11 -4.88 12.87
C GLU A 67 2.64 -6.16 13.51
N LEU A 68 2.03 -7.28 13.15
CA LEU A 68 2.52 -8.59 13.54
C LEU A 68 3.48 -9.04 12.46
N VAL A 69 4.76 -9.04 12.84
CA VAL A 69 5.89 -9.32 11.96
C VAL A 69 6.60 -10.59 12.38
N GLY A 70 6.87 -11.46 11.42
CA GLY A 70 7.54 -12.71 11.69
C GLY A 70 7.44 -13.74 10.58
N HIS A 71 6.31 -13.73 9.87
CA HIS A 71 6.17 -14.63 8.73
C HIS A 71 7.11 -14.21 7.61
N THR A 72 7.72 -15.19 6.97
CA THR A 72 8.66 -14.93 5.89
C THR A 72 7.98 -15.00 4.53
N GLU A 73 6.75 -15.51 4.51
CA GLU A 73 5.98 -15.60 3.27
CA GLU A 73 5.98 -15.57 3.26
C GLU A 73 4.55 -15.11 3.50
N ARG A 74 3.82 -14.96 2.39
CA ARG A 74 2.43 -14.53 2.39
C ARG A 74 1.59 -15.03 3.59
N VAL A 75 0.89 -14.12 4.26
CA VAL A 75 -0.03 -14.55 5.31
C VAL A 75 -1.39 -14.86 4.70
N SER A 76 -1.84 -16.10 4.89
CA SER A 76 -3.02 -16.60 4.19
C SER A 76 -4.25 -16.60 5.08
N GLY A 77 -4.02 -16.57 6.39
CA GLY A 77 -5.10 -16.66 7.35
C GLY A 77 -4.88 -15.85 8.59
N PHE A 78 -5.95 -15.28 9.11
CA PHE A 78 -5.87 -14.54 10.36
C PHE A 78 -7.18 -14.66 11.10
N THR A 79 -7.09 -14.84 12.41
CA THR A 79 -8.27 -15.01 13.24
C THR A 79 -7.93 -14.64 14.68
N PHE A 80 -8.74 -13.77 15.27
CA PHE A 80 -8.62 -13.42 16.68
C PHE A 80 -9.20 -14.52 17.55
N SER A 81 -8.78 -14.58 18.81
CA SER A 81 -9.56 -15.29 19.79
C SER A 81 -10.76 -14.43 20.17
N HIS A 82 -11.93 -15.03 20.29
CA HIS A 82 -13.09 -14.28 20.73
C HIS A 82 -13.57 -14.71 22.10
N HIS A 83 -12.64 -15.18 22.93
CA HIS A 83 -12.96 -15.51 24.30
C HIS A 83 -12.66 -14.31 25.18
N PRO A 84 -13.66 -13.87 25.96
CA PRO A 84 -13.49 -12.77 26.92
C PRO A 84 -12.25 -12.97 27.76
N GLY A 85 -11.44 -11.91 27.89
CA GLY A 85 -10.20 -12.00 28.65
C GLY A 85 -9.01 -12.40 27.80
N GLN A 86 -9.26 -12.86 26.57
CA GLN A 86 -8.16 -13.27 25.69
C GLN A 86 -8.34 -12.73 24.26
N TYR A 87 -8.99 -11.58 24.15
CA TYR A 87 -9.13 -10.87 22.88
C TYR A 87 -7.79 -10.42 22.31
N ASN A 88 -6.76 -10.40 23.15
CA ASN A 88 -5.42 -10.00 22.72
C ASN A 88 -4.66 -11.11 21.97
N LEU A 89 -5.18 -12.33 22.05
CA LEU A 89 -4.57 -13.46 21.35
C LEU A 89 -5.15 -13.61 19.93
N CYS A 90 -4.33 -14.07 19.00
CA CYS A 90 -4.81 -14.30 17.64
C CYS A 90 -3.93 -15.32 16.93
N ALA A 91 -4.36 -15.78 15.77
CA ALA A 91 -3.61 -16.79 15.03
C ALA A 91 -3.47 -16.44 13.55
N THR A 92 -2.32 -16.79 12.99
CA THR A 92 -2.10 -16.61 11.56
C THR A 92 -1.60 -17.88 10.90
N SER A 93 -1.96 -18.05 9.64
CA SER A 93 -1.34 -19.07 8.81
C SER A 93 -0.57 -18.37 7.70
N SER A 94 0.41 -19.05 7.14
CA SER A 94 1.26 -18.44 6.12
C SER A 94 1.77 -19.47 5.15
N ASP A 95 2.12 -19.01 3.94
CA ASP A 95 2.75 -19.87 2.95
C ASP A 95 4.14 -20.34 3.41
N ASP A 96 4.65 -19.78 4.51
CA ASP A 96 5.96 -20.20 5.01
C ASP A 96 5.84 -21.51 5.79
N GLY A 97 4.62 -22.04 5.87
CA GLY A 97 4.41 -23.38 6.43
C GLY A 97 4.05 -23.39 7.89
N THR A 98 3.92 -22.23 8.51
CA THR A 98 3.70 -22.17 9.95
C THR A 98 2.36 -21.58 10.32
N VAL A 99 1.84 -22.03 11.47
CA VAL A 99 0.74 -21.38 12.13
C VAL A 99 1.30 -20.75 13.40
N LYS A 100 1.09 -19.44 13.55
CA LYS A 100 1.58 -18.73 14.73
C LYS A 100 0.44 -18.21 15.62
N ILE A 101 0.66 -18.32 16.93
CA ILE A 101 -0.18 -17.66 17.93
C ILE A 101 0.49 -16.38 18.39
N TRP A 102 -0.21 -15.26 18.30
CA TRP A 102 0.33 -13.96 18.68
C TRP A 102 -0.38 -13.33 19.88
N ASP A 103 0.39 -12.56 20.64
CA ASP A 103 -0.15 -11.61 21.61
C ASP A 103 -0.06 -10.22 20.99
N VAL A 104 -1.20 -9.62 20.66
CA VAL A 104 -1.18 -8.32 19.98
C VAL A 104 -0.73 -7.20 20.91
N GLU A 105 -0.84 -7.40 22.22
CA GLU A 105 -0.39 -6.39 23.18
C GLU A 105 1.11 -6.20 23.04
N THR A 106 1.84 -7.31 22.99
CA THR A 106 3.28 -7.30 22.83
C THR A 106 3.70 -7.39 21.36
N LYS A 107 2.74 -7.70 20.48
CA LYS A 107 3.03 -7.96 19.07
C LYS A 107 4.09 -9.06 18.92
N THR A 108 4.02 -10.08 19.77
CA THR A 108 5.01 -11.16 19.75
C THR A 108 4.38 -12.55 19.65
N VAL A 109 5.17 -13.51 19.16
CA VAL A 109 4.73 -14.89 19.00
C VAL A 109 4.73 -15.64 20.33
N VAL A 110 3.57 -16.16 20.71
CA VAL A 110 3.43 -16.96 21.92
C VAL A 110 3.97 -18.37 21.68
N THR A 111 3.53 -18.99 20.61
CA THR A 111 4.01 -20.30 20.21
C THR A 111 3.58 -20.54 18.77
N GLU A 112 4.07 -21.61 18.16
CA GLU A 112 3.77 -21.87 16.76
C GLU A 112 3.99 -23.32 16.40
N HIS A 113 3.44 -23.74 15.26
CA HIS A 113 3.75 -25.07 14.75
C HIS A 113 3.91 -25.07 13.24
N ALA A 114 4.50 -26.15 12.74
CA ALA A 114 4.74 -26.33 11.32
C ALA A 114 4.28 -27.72 10.93
N LEU A 115 3.11 -28.09 11.43
CA LEU A 115 2.53 -29.42 11.22
C LEU A 115 2.09 -29.67 9.78
N HIS A 116 1.66 -28.61 9.10
CA HIS A 116 1.24 -28.75 7.72
C HIS A 116 2.44 -28.96 6.81
N GLN A 117 2.28 -29.84 5.82
CA GLN A 117 3.33 -30.05 4.81
C GLN A 117 2.90 -29.54 3.45
N HIS A 118 1.70 -29.00 3.38
CA HIS A 118 1.19 -28.42 2.15
C HIS A 118 0.64 -27.03 2.43
N THR A 119 0.51 -26.24 1.37
CA THR A 119 0.11 -24.85 1.49
C THR A 119 -1.18 -24.69 2.27
N ILE A 120 -1.09 -24.06 3.43
CA ILE A 120 -2.25 -23.83 4.27
C ILE A 120 -3.30 -22.96 3.57
N SER A 121 -4.55 -23.36 3.66
CA SER A 121 -5.63 -22.59 3.07
C SER A 121 -6.19 -21.57 4.04
N THR A 122 -6.48 -22.02 5.25
CA THR A 122 -7.13 -21.12 6.18
C THR A 122 -7.03 -21.64 7.60
N LEU A 123 -7.52 -20.88 8.56
CA LEU A 123 -7.59 -21.32 9.94
C LEU A 123 -8.66 -20.56 10.70
N HIS A 124 -9.03 -21.08 11.87
CA HIS A 124 -10.08 -20.49 12.67
C HIS A 124 -9.86 -20.77 14.14
N TRP A 125 -9.95 -19.73 14.96
CA TRP A 125 -9.94 -19.91 16.41
C TRP A 125 -11.32 -20.35 16.85
N SER A 126 -11.40 -21.50 17.51
CA SER A 126 -12.64 -22.01 18.07
C SER A 126 -13.32 -21.01 19.00
N PRO A 127 -14.61 -20.78 18.78
CA PRO A 127 -15.41 -19.90 19.64
C PRO A 127 -15.75 -20.53 20.99
N ARG A 128 -15.57 -21.85 21.12
CA ARG A 128 -15.99 -22.58 22.32
C ARG A 128 -14.81 -23.04 23.15
N VAL A 129 -13.73 -23.45 22.49
CA VAL A 129 -12.55 -23.94 23.19
C VAL A 129 -11.45 -22.87 23.16
N LYS A 130 -10.98 -22.49 24.35
CA LYS A 130 -10.15 -21.30 24.51
C LYS A 130 -8.81 -21.34 23.80
N ASP A 131 -8.24 -22.53 23.63
CA ASP A 131 -6.93 -22.62 23.03
C ASP A 131 -6.90 -23.47 21.76
N LEU A 132 -8.08 -23.70 21.16
CA LEU A 132 -8.17 -24.52 19.94
C LEU A 132 -8.15 -23.68 18.67
N ILE A 133 -7.18 -23.96 17.81
CA ILE A 133 -7.08 -23.35 16.50
C ILE A 133 -7.12 -24.45 15.45
N VAL A 134 -8.11 -24.40 14.56
CA VAL A 134 -8.25 -25.41 13.52
C VAL A 134 -7.82 -24.86 12.17
N SER A 135 -6.89 -25.54 11.50
CA SER A 135 -6.40 -25.06 10.21
C SER A 135 -6.56 -26.10 9.12
N GLY A 136 -6.69 -25.64 7.88
CA GLY A 136 -6.85 -26.55 6.76
C GLY A 136 -5.96 -26.17 5.61
N ASP A 137 -5.44 -27.18 4.90
CA ASP A 137 -4.59 -26.90 3.75
C ASP A 137 -5.12 -27.38 2.39
N GLU A 138 -4.24 -27.23 1.40
CA GLU A 138 -4.54 -27.47 0.00
C GLU A 138 -4.74 -28.96 -0.34
N LYS A 139 -4.23 -29.86 0.49
CA LYS A 139 -4.37 -31.29 0.24
C LYS A 139 -5.50 -31.93 1.03
N GLY A 140 -6.16 -31.13 1.87
CA GLY A 140 -7.30 -31.61 2.64
C GLY A 140 -6.96 -31.91 4.08
N VAL A 141 -5.69 -31.76 4.42
CA VAL A 141 -5.25 -32.01 5.79
C VAL A 141 -5.73 -30.89 6.72
N VAL A 142 -6.37 -31.33 7.80
CA VAL A 142 -6.84 -30.45 8.85
C VAL A 142 -6.02 -30.68 10.11
N PHE A 143 -5.49 -29.62 10.71
CA PHE A 143 -4.92 -29.77 12.04
C PHE A 143 -5.74 -29.06 13.11
N CYS A 144 -6.05 -29.79 14.17
CA CYS A 144 -6.58 -29.21 15.39
C CYS A 144 -5.40 -28.92 16.31
N TYR A 145 -5.29 -27.69 16.79
CA TYR A 145 -4.15 -27.27 17.57
C TYR A 145 -4.58 -26.66 18.91
N TRP A 146 -4.33 -27.37 20.01
CA TRP A 146 -4.55 -26.83 21.35
C TRP A 146 -3.23 -26.24 21.86
N PHE A 147 -3.03 -24.95 21.61
CA PHE A 147 -1.72 -24.31 21.78
C PHE A 147 -1.28 -24.24 23.23
N ASN A 148 -2.24 -24.16 24.15
CA ASN A 148 -1.92 -23.90 25.54
C ASN A 148 -1.85 -25.15 26.40
N ARG A 149 -1.62 -26.29 25.75
CA ARG A 149 -1.41 -27.54 26.45
C ARG A 149 -0.52 -28.41 25.55
N ASN A 150 0.07 -27.76 24.55
CA ASN A 150 0.90 -28.42 23.56
C ASN A 150 0.27 -29.68 22.99
N ASP A 151 -0.84 -29.52 22.29
CA ASP A 151 -1.48 -30.69 21.70
C ASP A 151 -1.92 -30.43 20.27
N SER A 152 -1.97 -31.52 19.49
CA SER A 152 -2.36 -31.42 18.10
C SER A 152 -2.94 -32.73 17.60
N GLN A 153 -3.87 -32.62 16.67
CA GLN A 153 -4.50 -33.77 16.06
C GLN A 153 -4.69 -33.56 14.57
N HIS A 154 -4.22 -34.49 13.74
CA HIS A 154 -4.50 -34.38 12.32
C HIS A 154 -5.78 -35.10 11.96
N LEU A 155 -6.51 -34.51 11.04
CA LEU A 155 -7.75 -35.05 10.53
C LEU A 155 -7.66 -34.97 9.02
N PHE A 156 -8.33 -35.88 8.34
CA PHE A 156 -8.34 -35.90 6.89
C PHE A 156 -9.69 -36.42 6.43
N ILE A 157 -10.42 -35.57 5.71
CA ILE A 157 -11.77 -35.92 5.33
C ILE A 157 -11.75 -36.38 3.88
N GLU A 158 -11.60 -35.43 2.97
CA GLU A 158 -11.58 -35.72 1.55
C GLU A 158 -10.29 -35.23 0.93
N PRO A 159 -9.80 -35.92 -0.12
CA PRO A 159 -8.60 -35.46 -0.82
C PRO A 159 -8.89 -34.26 -1.72
N ARG A 160 -9.41 -33.19 -1.13
CA ARG A 160 -9.76 -32.00 -1.90
C ARG A 160 -9.15 -30.75 -1.27
N THR A 161 -9.00 -29.70 -2.08
CA THR A 161 -8.46 -28.45 -1.60
C THR A 161 -9.46 -27.69 -0.73
N ILE A 162 -9.11 -27.50 0.52
CA ILE A 162 -9.90 -26.71 1.45
C ILE A 162 -9.81 -25.23 1.06
N PHE A 163 -10.96 -24.57 1.00
CA PHE A 163 -11.00 -23.13 0.75
C PHE A 163 -11.34 -22.38 2.01
N CYS A 164 -12.23 -22.94 2.81
CA CYS A 164 -12.64 -22.30 4.05
C CYS A 164 -13.03 -23.33 5.11
N LEU A 165 -12.97 -22.91 6.36
CA LEU A 165 -13.56 -23.68 7.42
C LEU A 165 -13.97 -22.78 8.58
N THR A 166 -15.03 -23.16 9.27
CA THR A 166 -15.59 -22.37 10.37
C THR A 166 -16.09 -23.28 11.49
N CYS A 167 -15.49 -23.17 12.67
CA CYS A 167 -15.97 -23.91 13.84
C CYS A 167 -17.35 -23.41 14.24
N SER A 168 -18.20 -24.33 14.69
CA SER A 168 -19.51 -23.95 15.20
C SER A 168 -19.39 -23.07 16.43
N PRO A 169 -20.21 -22.02 16.51
CA PRO A 169 -20.24 -21.17 17.70
C PRO A 169 -21.05 -21.80 18.83
N HIS A 170 -21.72 -22.91 18.53
CA HIS A 170 -22.60 -23.57 19.49
C HIS A 170 -22.05 -24.89 20.01
N HIS A 171 -21.44 -25.67 19.13
CA HIS A 171 -20.92 -27.00 19.50
C HIS A 171 -19.41 -27.08 19.33
N GLU A 172 -18.71 -27.35 20.43
CA GLU A 172 -17.25 -27.35 20.46
C GLU A 172 -16.59 -28.38 19.55
N ASP A 173 -17.34 -29.41 19.15
CA ASP A 173 -16.77 -30.50 18.35
C ASP A 173 -17.04 -30.36 16.85
N LEU A 174 -17.95 -29.47 16.47
CA LEU A 174 -18.40 -29.42 15.08
C LEU A 174 -17.67 -28.35 14.27
N VAL A 175 -17.17 -28.75 13.10
CA VAL A 175 -16.47 -27.85 12.20
C VAL A 175 -16.98 -28.02 10.78
N ALA A 176 -17.35 -26.91 10.15
CA ALA A 176 -17.77 -26.94 8.76
C ALA A 176 -16.60 -26.61 7.84
N ILE A 177 -16.46 -27.38 6.76
CA ILE A 177 -15.38 -27.21 5.81
C ILE A 177 -15.94 -27.10 4.39
N GLY A 178 -15.46 -26.10 3.65
CA GLY A 178 -15.88 -25.86 2.29
C GLY A 178 -14.71 -26.04 1.35
N TYR A 179 -14.93 -26.77 0.25
CA TYR A 179 -13.85 -27.14 -0.64
C TYR A 179 -13.88 -26.43 -1.99
N LYS A 180 -12.78 -26.54 -2.71
CA LYS A 180 -12.62 -25.91 -4.01
C LYS A 180 -13.68 -26.37 -5.03
N ASP A 181 -14.11 -27.62 -4.92
CA ASP A 181 -15.06 -28.17 -5.89
C ASP A 181 -16.52 -27.94 -5.49
N GLY A 182 -16.74 -27.37 -4.31
CA GLY A 182 -18.09 -27.08 -3.87
C GLY A 182 -18.63 -27.97 -2.76
N ILE A 183 -17.92 -29.06 -2.47
CA ILE A 183 -18.28 -29.89 -1.33
C ILE A 183 -18.29 -29.07 -0.04
N VAL A 184 -19.37 -29.23 0.75
CA VAL A 184 -19.45 -28.68 2.09
C VAL A 184 -19.72 -29.81 3.08
N VAL A 185 -18.84 -29.97 4.06
CA VAL A 185 -19.03 -30.99 5.08
C VAL A 185 -19.06 -30.41 6.50
N ILE A 186 -19.82 -31.05 7.38
CA ILE A 186 -19.77 -30.76 8.80
C ILE A 186 -19.23 -31.99 9.48
N ILE A 187 -18.14 -31.80 10.21
CA ILE A 187 -17.41 -32.90 10.83
C ILE A 187 -17.34 -32.76 12.36
N ASP A 188 -17.05 -33.87 13.02
CA ASP A 188 -16.90 -33.94 14.46
C ASP A 188 -15.44 -34.27 14.78
N ILE A 189 -14.73 -33.31 15.35
CA ILE A 189 -13.29 -33.47 15.54
C ILE A 189 -12.99 -34.37 16.73
N SER A 190 -14.00 -34.67 17.54
CA SER A 190 -13.81 -35.63 18.62
C SER A 190 -13.92 -37.06 18.08
N LYS A 191 -14.61 -37.20 16.95
CA LYS A 191 -14.75 -38.50 16.30
C LYS A 191 -13.87 -38.60 15.06
N LYS A 192 -12.56 -38.38 15.24
CA LYS A 192 -11.56 -38.49 14.18
C LYS A 192 -11.89 -37.71 12.91
N GLY A 193 -12.80 -36.73 13.02
CA GLY A 193 -13.15 -35.90 11.88
C GLY A 193 -14.32 -36.45 11.08
N GLU A 194 -15.01 -37.43 11.67
CA GLU A 194 -16.13 -38.09 11.01
C GLU A 194 -17.11 -37.09 10.40
N VAL A 195 -17.51 -37.36 9.16
CA VAL A 195 -18.49 -36.51 8.49
C VAL A 195 -19.86 -36.72 9.12
N ILE A 196 -20.39 -35.68 9.74
CA ILE A 196 -21.73 -35.76 10.31
C ILE A 196 -22.74 -35.32 9.26
N HIS A 197 -22.37 -34.32 8.47
CA HIS A 197 -23.27 -33.88 7.40
C HIS A 197 -22.53 -33.58 6.09
N ARG A 198 -23.11 -34.07 5.00
CA ARG A 198 -22.58 -33.87 3.67
C ARG A 198 -23.56 -33.00 2.90
N LEU A 199 -23.29 -31.70 2.86
CA LEU A 199 -24.22 -30.74 2.29
C LEU A 199 -24.00 -30.59 0.78
N ARG A 200 -24.96 -31.04 0.01
CA ARG A 200 -24.82 -31.09 -1.45
C ARG A 200 -25.69 -30.06 -2.14
N GLY A 201 -25.07 -29.28 -3.04
CA GLY A 201 -25.81 -28.28 -3.78
C GLY A 201 -24.99 -27.27 -4.57
N HIS A 202 -23.81 -26.92 -4.05
CA HIS A 202 -22.94 -25.95 -4.71
C HIS A 202 -22.17 -26.57 -5.87
N ASP A 203 -21.94 -25.77 -6.92
CA ASP A 203 -21.25 -26.22 -8.13
C ASP A 203 -19.87 -25.60 -8.36
N ASP A 204 -19.37 -24.86 -7.39
CA ASP A 204 -18.08 -24.19 -7.54
C ASP A 204 -17.58 -23.81 -6.15
N GLU A 205 -16.35 -23.28 -6.09
CA GLU A 205 -15.66 -22.94 -4.85
C GLU A 205 -16.55 -22.38 -3.75
N ILE A 206 -16.41 -22.92 -2.54
CA ILE A 206 -17.01 -22.32 -1.36
C ILE A 206 -16.07 -21.23 -0.84
N HIS A 207 -16.56 -20.00 -0.80
CA HIS A 207 -15.75 -18.88 -0.34
C HIS A 207 -15.97 -18.54 1.13
N SER A 208 -17.15 -18.89 1.63
CA SER A 208 -17.54 -18.46 2.97
C SER A 208 -18.57 -19.37 3.64
N ILE A 209 -18.34 -19.65 4.91
CA ILE A 209 -19.29 -20.42 5.72
C ILE A 209 -19.62 -19.69 7.02
N ALA A 210 -20.90 -19.35 7.20
CA ALA A 210 -21.33 -18.65 8.40
C ALA A 210 -22.43 -19.41 9.13
N TRP A 211 -22.18 -19.78 10.38
CA TRP A 211 -23.20 -20.41 11.20
C TRP A 211 -24.18 -19.37 11.70
N CYS A 212 -25.45 -19.76 11.82
CA CYS A 212 -26.42 -18.92 12.48
C CYS A 212 -25.99 -18.69 13.94
N PRO A 213 -26.01 -17.43 14.38
CA PRO A 213 -25.59 -17.06 15.75
C PRO A 213 -26.55 -17.57 16.81
N LEU A 214 -27.79 -17.85 16.41
CA LEU A 214 -28.78 -18.43 17.29
C LEU A 214 -28.82 -19.95 17.10
N PRO A 215 -28.74 -20.69 18.21
CA PRO A 215 -28.90 -22.15 18.13
C PRO A 215 -30.34 -22.52 17.81
N GLY A 216 -30.58 -23.77 17.43
CA GLY A 216 -31.93 -24.23 17.17
C GLY A 216 -32.47 -23.80 15.83
N GLU A 217 -33.45 -24.55 15.32
CA GLU A 217 -34.06 -24.26 14.03
C GLU A 217 -35.51 -23.84 14.21
N GLY A 247 -30.70 -28.28 16.97
CA GLY A 247 -30.09 -28.13 15.65
C GLY A 247 -29.59 -26.71 15.44
N CYS A 248 -29.32 -26.37 14.18
CA CYS A 248 -28.91 -25.01 13.83
CA CYS A 248 -28.81 -25.05 13.83
C CYS A 248 -28.93 -24.81 12.32
N TYR A 249 -28.82 -23.56 11.90
CA TYR A 249 -28.76 -23.25 10.49
C TYR A 249 -27.35 -22.85 10.12
N LEU A 250 -26.93 -23.11 8.90
CA LEU A 250 -25.72 -22.44 8.45
C LEU A 250 -25.80 -22.02 7.00
N ALA A 251 -25.04 -20.97 6.68
CA ALA A 251 -25.05 -20.39 5.35
C ALA A 251 -23.69 -20.56 4.68
N THR A 252 -23.73 -20.90 3.40
CA THR A 252 -22.53 -21.05 2.60
C THR A 252 -22.61 -20.15 1.38
N GLY A 253 -21.50 -19.50 1.05
CA GLY A 253 -21.46 -18.63 -0.10
C GLY A 253 -20.50 -19.20 -1.12
N SER A 254 -20.91 -19.23 -2.39
CA SER A 254 -20.09 -19.88 -3.40
C SER A 254 -19.83 -19.01 -4.63
N LYS A 255 -18.77 -19.38 -5.35
CA LYS A 255 -18.46 -18.77 -6.64
C LYS A 255 -19.59 -19.04 -7.67
N ASP A 256 -20.46 -20.01 -7.38
CA ASP A 256 -21.56 -20.33 -8.28
C ASP A 256 -22.69 -19.32 -8.19
N GLN A 257 -22.44 -18.26 -7.43
CA GLN A 257 -23.33 -17.11 -7.27
C GLN A 257 -24.52 -17.44 -6.41
N THR A 258 -24.45 -18.55 -5.68
CA THR A 258 -25.50 -18.86 -4.73
C THR A 258 -25.01 -18.80 -3.27
N ILE A 259 -25.93 -18.36 -2.42
CA ILE A 259 -25.86 -18.47 -0.98
C ILE A 259 -26.86 -19.52 -0.56
N ARG A 260 -26.40 -20.56 0.11
CA ARG A 260 -27.30 -21.63 0.52
C ARG A 260 -27.43 -21.72 2.03
N ILE A 261 -28.66 -21.75 2.51
CA ILE A 261 -28.98 -21.94 3.91
C ILE A 261 -29.41 -23.38 4.13
N TRP A 262 -28.70 -24.04 5.05
CA TRP A 262 -28.88 -25.44 5.35
C TRP A 262 -29.37 -25.67 6.78
N SER A 263 -30.17 -26.72 6.93
CA SER A 263 -30.59 -27.23 8.23
C SER A 263 -29.58 -28.23 8.74
N CYS A 264 -29.00 -27.96 9.90
CA CYS A 264 -27.95 -28.80 10.47
C CYS A 264 -28.52 -30.10 11.02
N SER A 265 -29.85 -30.19 11.11
CA SER A 265 -30.51 -31.41 11.51
C SER A 265 -30.74 -32.33 10.32
N ARG A 266 -31.64 -31.90 9.44
CA ARG A 266 -32.05 -32.70 8.29
C ARG A 266 -31.02 -32.71 7.17
N GLY A 267 -29.83 -32.18 7.45
CA GLY A 267 -28.71 -32.18 6.53
C GLY A 267 -29.02 -31.82 5.09
N ARG A 268 -30.01 -30.94 4.90
CA ARG A 268 -30.42 -30.57 3.56
C ARG A 268 -30.60 -29.06 3.43
N GLY A 269 -30.63 -28.59 2.19
CA GLY A 269 -30.79 -27.17 1.93
C GLY A 269 -32.21 -26.73 2.23
N VAL A 270 -32.35 -25.57 2.85
CA VAL A 270 -33.67 -25.05 3.17
C VAL A 270 -33.87 -23.69 2.55
N MET A 271 -32.82 -23.16 1.92
CA MET A 271 -32.99 -21.87 1.23
C MET A 271 -31.87 -21.61 0.23
N ILE A 272 -32.24 -21.19 -0.97
CA ILE A 272 -31.23 -20.84 -1.97
C ILE A 272 -31.43 -19.41 -2.43
N LEU A 273 -30.46 -18.56 -2.14
CA LEU A 273 -30.48 -17.17 -2.58
C LEU A 273 -29.50 -16.99 -3.72
N LYS A 274 -29.96 -16.54 -4.88
CA LYS A 274 -29.02 -16.26 -5.96
C LYS A 274 -28.73 -14.77 -6.05
N LEU A 275 -27.46 -14.43 -6.26
CA LEU A 275 -27.06 -13.02 -6.34
C LEU A 275 -27.78 -12.28 -7.45
N PRO A 276 -28.21 -11.04 -7.18
CA PRO A 276 -28.81 -10.19 -8.20
C PRO A 276 -27.76 -9.66 -9.15
N PHE A 277 -28.09 -9.58 -10.44
CA PHE A 277 -27.21 -8.93 -11.39
C PHE A 277 -27.56 -7.44 -11.42
N LEU A 278 -26.59 -6.62 -11.06
CA LEU A 278 -26.84 -5.19 -10.88
C LEU A 278 -25.97 -4.35 -11.79
N LYS A 279 -26.43 -3.14 -12.10
CA LYS A 279 -25.68 -2.23 -12.94
C LYS A 279 -24.42 -1.76 -12.22
N ARG A 280 -23.29 -1.84 -12.90
CA ARG A 280 -22.00 -1.45 -12.33
C ARG A 280 -22.02 0.01 -11.87
N ARG A 281 -21.69 0.23 -10.60
CA ARG A 281 -21.73 1.56 -10.02
C ARG A 281 -20.35 2.14 -9.73
N GLY A 282 -20.31 3.46 -9.58
CA GLY A 282 -19.10 4.15 -9.15
C GLY A 282 -17.94 4.06 -10.13
N GLY A 283 -17.02 3.14 -9.82
CA GLY A 283 -15.75 3.05 -10.52
C GLY A 283 -15.81 2.88 -12.02
N GLY A 284 -15.23 3.85 -12.73
CA GLY A 284 -14.90 3.66 -14.13
C GLY A 284 -13.72 2.72 -14.13
N ILE A 285 -14.01 1.44 -14.32
CA ILE A 285 -13.04 0.38 -14.03
C ILE A 285 -12.39 -0.20 -15.30
N ASP A 286 -11.09 -0.48 -15.18
CA ASP A 286 -10.34 -1.25 -16.17
C ASP A 286 -11.04 -2.58 -16.43
N PRO A 287 -11.60 -2.76 -17.64
CA PRO A 287 -12.37 -3.96 -17.97
C PRO A 287 -11.49 -5.19 -18.13
N THR A 288 -10.29 -4.99 -18.67
CA THR A 288 -9.41 -6.09 -19.05
C THR A 288 -8.98 -6.96 -17.87
N VAL A 289 -8.63 -6.32 -16.76
CA VAL A 289 -8.16 -7.04 -15.57
C VAL A 289 -9.18 -8.09 -15.14
N LYS A 290 -8.76 -9.36 -15.19
CA LYS A 290 -9.63 -10.50 -14.90
C LYS A 290 -10.08 -10.50 -13.44
N GLU A 291 -11.34 -10.85 -13.22
CA GLU A 291 -11.94 -10.81 -11.88
C GLU A 291 -13.32 -11.46 -11.84
N ARG A 292 -13.39 -12.62 -11.20
CA ARG A 292 -14.66 -13.30 -11.01
C ARG A 292 -15.16 -13.06 -9.60
N LEU A 293 -16.37 -13.53 -9.33
CA LEU A 293 -17.02 -13.37 -8.03
C LEU A 293 -16.23 -13.93 -6.84
N TRP A 294 -16.22 -13.17 -5.74
CA TRP A 294 -15.90 -13.74 -4.44
C TRP A 294 -17.10 -13.46 -3.54
N LEU A 295 -17.72 -14.51 -3.02
CA LEU A 295 -18.96 -14.35 -2.27
C LEU A 295 -18.73 -14.69 -0.81
N THR A 296 -18.56 -13.67 0.01
CA THR A 296 -18.30 -13.89 1.42
C THR A 296 -19.54 -13.50 2.22
N LEU A 297 -19.59 -13.94 3.47
CA LEU A 297 -20.81 -13.82 4.27
C LEU A 297 -20.59 -13.16 5.63
N HIS A 298 -21.62 -12.47 6.11
CA HIS A 298 -21.65 -12.03 7.50
C HIS A 298 -23.05 -12.21 8.06
N TRP A 299 -23.18 -13.05 9.09
CA TRP A 299 -24.47 -13.31 9.72
C TRP A 299 -24.49 -12.62 11.09
N PRO A 300 -25.13 -11.44 11.17
CA PRO A 300 -25.08 -10.65 12.41
C PRO A 300 -25.81 -11.30 13.59
N SER A 301 -25.12 -11.41 14.72
CA SER A 301 -25.73 -11.94 15.94
C SER A 301 -26.74 -10.93 16.46
N ASN A 302 -26.52 -9.68 16.10
CA ASN A 302 -27.45 -8.59 16.31
C ASN A 302 -28.83 -8.89 15.73
N GLN A 303 -28.86 -9.24 14.45
CA GLN A 303 -30.11 -9.42 13.71
C GLN A 303 -30.14 -10.75 12.96
N PRO A 304 -30.51 -11.83 13.65
CA PRO A 304 -30.47 -13.20 13.10
C PRO A 304 -31.29 -13.42 11.83
N THR A 305 -32.24 -12.53 11.51
CA THR A 305 -33.06 -12.69 10.30
C THR A 305 -32.50 -11.88 9.13
N GLN A 306 -31.35 -11.26 9.34
CA GLN A 306 -30.65 -10.61 8.24
C GLN A 306 -29.36 -11.37 7.96
N LEU A 307 -28.87 -11.29 6.73
CA LEU A 307 -27.60 -11.91 6.38
C LEU A 307 -26.89 -11.04 5.38
N VAL A 308 -25.66 -10.62 5.69
CA VAL A 308 -24.94 -9.78 4.75
C VAL A 308 -24.04 -10.62 3.85
N SER A 309 -23.97 -10.26 2.58
CA SER A 309 -23.03 -10.92 1.67
C SER A 309 -22.40 -9.93 0.71
N SER A 310 -21.27 -10.33 0.12
CA SER A 310 -20.70 -9.58 -1.00
C SER A 310 -21.51 -9.90 -2.26
N CYS A 311 -21.13 -9.29 -3.37
CA CYS A 311 -21.84 -9.45 -4.63
C CYS A 311 -20.88 -9.11 -5.76
N PHE A 312 -21.35 -9.17 -7.01
CA PHE A 312 -20.53 -8.82 -8.16
C PHE A 312 -19.99 -7.40 -8.01
N GLY A 313 -18.73 -7.21 -8.38
CA GLY A 313 -18.11 -5.89 -8.39
C GLY A 313 -17.96 -5.27 -7.01
N GLY A 314 -18.09 -6.08 -5.96
CA GLY A 314 -17.84 -5.61 -4.61
C GLY A 314 -18.99 -4.93 -3.91
N GLU A 315 -20.18 -5.02 -4.49
CA GLU A 315 -21.36 -4.49 -3.83
C GLU A 315 -21.62 -5.31 -2.57
N LEU A 316 -22.21 -4.68 -1.56
CA LEU A 316 -22.61 -5.41 -0.37
C LEU A 316 -24.13 -5.45 -0.28
N LEU A 317 -24.65 -6.59 0.15
CA LEU A 317 -26.09 -6.81 0.28
C LEU A 317 -26.50 -7.20 1.69
N GLN A 318 -27.62 -6.66 2.14
CA GLN A 318 -28.26 -7.11 3.37
C GLN A 318 -29.52 -7.88 3.00
N TRP A 319 -29.42 -9.20 3.04
CA TRP A 319 -30.53 -10.10 2.75
C TRP A 319 -31.53 -10.19 3.90
N ASP A 320 -32.81 -10.08 3.54
CA ASP A 320 -33.93 -10.28 4.45
C ASP A 320 -34.39 -11.72 4.38
N LEU A 321 -33.98 -12.52 5.35
CA LEU A 321 -34.21 -13.95 5.35
C LEU A 321 -35.67 -14.33 5.61
N THR A 322 -36.44 -13.40 6.15
CA THR A 322 -37.88 -13.66 6.36
C THR A 322 -38.63 -13.64 5.03
N GLN A 323 -38.13 -12.84 4.09
CA GLN A 323 -38.73 -12.73 2.75
C GLN A 323 -38.00 -13.60 1.74
N SER A 324 -37.59 -14.79 2.18
CA SER A 324 -36.71 -15.68 1.40
C SER A 324 -37.13 -15.84 -0.06
N TRP A 325 -38.39 -16.19 -0.28
CA TRP A 325 -38.88 -16.48 -1.62
C TRP A 325 -38.91 -15.24 -2.51
N ARG A 326 -39.08 -14.08 -1.91
CA ARG A 326 -39.08 -12.84 -2.67
C ARG A 326 -37.64 -12.45 -3.02
N ARG A 327 -36.69 -13.11 -2.35
CA ARG A 327 -35.28 -12.76 -2.42
C ARG A 327 -35.09 -11.26 -2.21
N LYS A 328 -35.54 -10.79 -1.05
CA LYS A 328 -35.40 -9.38 -0.70
C LYS A 328 -34.02 -9.10 -0.15
N TYR A 329 -33.43 -7.99 -0.62
CA TYR A 329 -32.15 -7.51 -0.12
C TYR A 329 -32.16 -5.99 -0.13
N THR A 330 -31.26 -5.39 0.64
CA THR A 330 -31.03 -3.96 0.56
C THR A 330 -29.55 -3.72 0.21
N LEU A 331 -29.30 -2.83 -0.74
CA LEU A 331 -27.95 -2.54 -1.17
C LEU A 331 -27.26 -1.56 -0.22
N PHE A 332 -26.04 -1.90 0.21
CA PHE A 332 -25.22 -0.97 1.00
C PHE A 332 -24.96 0.30 0.19
N SER A 333 -25.03 1.44 0.85
CA SER A 333 -24.78 2.74 0.21
C SER A 333 -25.56 2.87 -1.10
N ALA A 334 -26.83 2.47 -1.08
CA ALA A 334 -27.67 2.51 -2.27
C ALA A 334 -28.04 3.95 -2.61
N SER A 335 -27.96 4.82 -1.60
CA SER A 335 -28.25 6.23 -1.76
C SER A 335 -27.04 6.99 -2.27
N SER A 336 -25.94 6.90 -1.53
CA SER A 336 -24.71 7.60 -1.90
C SER A 336 -24.10 7.00 -3.16
N GLU A 337 -23.23 7.76 -3.81
CA GLU A 337 -22.57 7.28 -5.02
C GLU A 337 -21.05 7.43 -4.89
N GLY A 338 -20.32 6.43 -5.37
CA GLY A 338 -18.87 6.46 -5.29
C GLY A 338 -18.36 5.99 -3.94
N GLN A 339 -19.27 5.50 -3.10
CA GLN A 339 -18.89 5.03 -1.78
C GLN A 339 -18.76 3.50 -1.71
N ASN A 340 -19.40 2.81 -2.64
CA ASN A 340 -19.30 1.35 -2.71
C ASN A 340 -17.93 0.90 -3.21
N HIS A 341 -17.56 -0.35 -2.92
CA HIS A 341 -16.35 -0.93 -3.47
C HIS A 341 -16.47 -1.03 -4.99
N SER A 342 -15.34 -1.09 -5.68
CA SER A 342 -15.34 -1.12 -7.14
C SER A 342 -14.89 -2.47 -7.68
N ARG A 343 -14.28 -3.27 -6.82
CA ARG A 343 -13.91 -4.64 -7.17
C ARG A 343 -14.36 -5.58 -6.07
N ILE A 344 -14.32 -6.89 -6.33
CA ILE A 344 -14.80 -7.89 -5.39
C ILE A 344 -14.29 -7.70 -3.97
N VAL A 345 -15.17 -8.01 -3.02
CA VAL A 345 -14.89 -7.93 -1.60
C VAL A 345 -14.58 -9.34 -1.08
N PHE A 346 -13.50 -9.48 -0.31
CA PHE A 346 -13.06 -10.78 0.15
C PHE A 346 -13.51 -11.10 1.58
N ASN A 347 -13.28 -10.19 2.52
CA ASN A 347 -13.63 -10.43 3.93
C ASN A 347 -14.58 -9.38 4.52
N LEU A 348 -15.45 -9.84 5.41
CA LEU A 348 -16.34 -9.00 6.19
C LEU A 348 -16.15 -9.29 7.68
N CYS A 349 -15.88 -8.25 8.46
CA CYS A 349 -15.62 -8.43 9.89
C CYS A 349 -16.48 -7.48 10.70
N PRO A 350 -17.33 -8.04 11.58
CA PRO A 350 -18.15 -7.16 12.41
C PRO A 350 -17.31 -6.56 13.53
N LEU A 351 -17.66 -5.35 13.97
CA LEU A 351 -17.00 -4.69 15.06
C LEU A 351 -17.99 -3.81 15.81
N GLN A 352 -18.28 -4.16 17.06
CA GLN A 352 -19.07 -3.25 17.89
C GLN A 352 -18.13 -2.43 18.76
N THR A 353 -18.23 -1.10 18.65
CA THR A 353 -17.37 -0.22 19.43
C THR A 353 -17.93 -0.06 20.84
N GLU A 354 -17.12 0.46 21.76
CA GLU A 354 -17.57 0.58 23.15
C GLU A 354 -18.67 1.63 23.35
N ASP A 355 -18.90 2.46 22.34
CA ASP A 355 -20.05 3.35 22.37
C ASP A 355 -21.21 2.71 21.60
N ASP A 356 -21.14 1.39 21.45
CA ASP A 356 -22.21 0.56 20.90
C ASP A 356 -22.58 0.85 19.45
N LYS A 357 -21.62 1.35 18.67
CA LYS A 357 -21.81 1.44 17.22
C LYS A 357 -21.60 0.07 16.59
N GLN A 358 -22.54 -0.35 15.75
CA GLN A 358 -22.42 -1.61 15.04
C GLN A 358 -21.77 -1.38 13.67
N LEU A 359 -20.46 -1.65 13.58
CA LEU A 359 -19.70 -1.46 12.35
C LEU A 359 -19.40 -2.77 11.63
N LEU A 360 -19.10 -2.68 10.34
CA LEU A 360 -18.69 -3.84 9.55
C LEU A 360 -17.57 -3.45 8.59
N LEU A 361 -16.43 -4.11 8.69
CA LEU A 361 -15.31 -3.75 7.84
C LEU A 361 -15.16 -4.73 6.68
N SER A 362 -14.85 -4.18 5.52
CA SER A 362 -14.75 -4.95 4.29
C SER A 362 -13.39 -4.72 3.65
N THR A 363 -12.77 -5.83 3.23
CA THR A 363 -11.54 -5.79 2.44
C THR A 363 -11.90 -6.10 0.99
N SER A 364 -11.06 -5.62 0.08
CA SER A 364 -11.42 -5.69 -1.33
C SER A 364 -10.22 -5.69 -2.26
N MET A 365 -10.43 -6.29 -3.43
CA MET A 365 -9.45 -6.25 -4.50
C MET A 365 -9.16 -4.80 -4.94
N ASP A 366 -10.06 -3.87 -4.64
CA ASP A 366 -9.84 -2.48 -5.05
C ASP A 366 -8.88 -1.76 -4.09
N ARG A 367 -8.36 -2.49 -3.11
CA ARG A 367 -7.35 -2.03 -2.16
C ARG A 367 -7.85 -0.96 -1.19
N ASP A 368 -9.16 -0.79 -1.10
CA ASP A 368 -9.74 0.01 -0.01
C ASP A 368 -10.21 -0.91 1.11
N VAL A 369 -9.95 -0.53 2.35
CA VAL A 369 -10.62 -1.13 3.51
C VAL A 369 -11.76 -0.20 3.90
N LYS A 370 -13.00 -0.69 3.87
CA LYS A 370 -14.11 0.20 4.16
C LYS A 370 -14.83 -0.16 5.46
N CYS A 371 -15.30 0.86 6.15
CA CYS A 371 -16.03 0.68 7.40
C CYS A 371 -17.47 1.09 7.21
N TRP A 372 -18.37 0.16 7.49
CA TRP A 372 -19.78 0.35 7.22
C TRP A 372 -20.59 0.48 8.51
N ASP A 373 -21.47 1.48 8.55
CA ASP A 373 -22.42 1.63 9.65
C ASP A 373 -23.63 0.77 9.37
N ILE A 374 -23.74 -0.35 10.09
CA ILE A 374 -24.81 -1.32 9.86
C ILE A 374 -26.21 -0.71 9.98
N ALA A 375 -26.38 0.23 10.91
CA ALA A 375 -27.67 0.87 11.11
C ALA A 375 -28.11 1.66 9.89
N THR A 376 -27.15 2.21 9.15
CA THR A 376 -27.46 3.06 8.02
C THR A 376 -27.04 2.46 6.69
N LEU A 377 -26.18 1.44 6.74
CA LEU A 377 -25.63 0.79 5.55
C LEU A 377 -24.84 1.79 4.70
N GLU A 378 -24.31 2.81 5.36
CA GLU A 378 -23.49 3.81 4.69
C GLU A 378 -22.05 3.64 5.12
N CYS A 379 -21.13 3.99 4.22
CA CYS A 379 -19.70 3.87 4.49
C CYS A 379 -19.19 5.00 5.39
N SER A 380 -18.82 4.65 6.61
CA SER A 380 -18.35 5.63 7.59
CA SER A 380 -18.36 5.64 7.57
C SER A 380 -16.99 6.21 7.19
N TRP A 381 -16.11 5.33 6.73
CA TRP A 381 -14.80 5.77 6.28
C TRP A 381 -14.08 4.72 5.47
N THR A 382 -13.02 5.15 4.80
CA THR A 382 -12.27 4.31 3.89
C THR A 382 -10.78 4.51 4.12
N LEU A 383 -10.07 3.40 4.30
CA LEU A 383 -8.62 3.41 4.43
C LEU A 383 -7.98 2.83 3.18
N PRO A 384 -7.31 3.68 2.38
CA PRO A 384 -6.58 3.25 1.18
C PRO A 384 -5.35 2.43 1.52
N SER A 385 -4.89 1.62 0.57
CA SER A 385 -3.73 0.77 0.79
C SER A 385 -2.87 0.69 -0.46
N LEU A 386 -1.63 0.26 -0.29
CA LEU A 386 -0.68 0.21 -1.39
C LEU A 386 -0.34 -1.22 -1.78
N GLY A 387 -0.36 -1.50 -3.09
CA GLY A 387 -0.09 -2.84 -3.58
C GLY A 387 1.31 -3.01 -4.14
N GLY A 388 2.14 -1.99 -4.00
CA GLY A 388 3.52 -2.07 -4.45
C GLY A 388 4.47 -1.21 -3.64
N PHE A 389 5.76 -1.23 -3.99
CA PHE A 389 6.73 -0.31 -3.41
C PHE A 389 6.18 1.10 -3.59
N ALA A 390 6.40 2.00 -2.63
CA ALA A 390 6.14 3.42 -2.86
C ALA A 390 7.41 4.03 -3.43
N TYR A 391 7.48 4.06 -4.75
CA TYR A 391 8.67 4.51 -5.44
C TYR A 391 8.87 6.00 -5.36
N SER A 392 7.77 6.76 -5.43
CA SER A 392 7.96 8.18 -5.64
C SER A 392 6.96 9.03 -4.88
N LEU A 393 7.42 10.17 -4.35
CA LEU A 393 6.55 11.14 -3.71
C LEU A 393 6.81 12.51 -4.29
N ALA A 394 5.76 13.26 -4.60
CA ALA A 394 5.92 14.62 -5.09
C ALA A 394 4.76 15.51 -4.64
N PHE A 395 5.09 16.58 -3.93
CA PHE A 395 4.11 17.57 -3.50
C PHE A 395 3.89 18.65 -4.57
N SER A 396 2.63 18.93 -4.88
CA SER A 396 2.33 20.02 -5.79
C SER A 396 2.67 21.36 -5.14
N SER A 397 3.34 22.24 -5.87
CA SER A 397 3.61 23.58 -5.35
C SER A 397 2.47 24.50 -5.76
N VAL A 398 1.51 23.94 -6.50
CA VAL A 398 0.32 24.66 -6.94
C VAL A 398 -0.86 24.43 -6.00
N ASP A 399 -1.18 23.16 -5.77
CA ASP A 399 -2.17 22.77 -4.77
C ASP A 399 -1.44 22.23 -3.56
N ILE A 400 -1.26 23.07 -2.56
CA ILE A 400 -0.49 22.72 -1.37
C ILE A 400 -1.08 21.47 -0.73
N GLY A 401 -0.21 20.55 -0.31
CA GLY A 401 -0.63 19.34 0.34
C GLY A 401 -1.06 18.21 -0.59
N SER A 402 -1.26 18.54 -1.86
CA SER A 402 -1.60 17.51 -2.83
C SER A 402 -0.37 16.67 -3.14
N LEU A 403 -0.36 15.46 -2.58
CA LEU A 403 0.80 14.57 -2.64
C LEU A 403 0.60 13.44 -3.62
N ALA A 404 1.34 13.45 -4.72
CA ALA A 404 1.29 12.34 -5.67
C ALA A 404 2.27 11.23 -5.26
N ILE A 405 1.80 9.99 -5.34
CA ILE A 405 2.58 8.80 -4.99
C ILE A 405 2.66 7.81 -6.14
N GLY A 406 3.89 7.45 -6.51
CA GLY A 406 4.15 6.46 -7.53
C GLY A 406 4.39 5.11 -6.88
N VAL A 407 3.53 4.16 -7.25
CA VAL A 407 3.42 2.86 -6.58
C VAL A 407 3.69 1.70 -7.55
N GLY A 408 4.22 0.60 -7.04
CA GLY A 408 4.50 -0.56 -7.86
C GLY A 408 3.30 -1.30 -8.41
N ASP A 409 2.08 -0.97 -7.98
CA ASP A 409 0.89 -1.69 -8.44
C ASP A 409 0.23 -1.03 -9.65
N GLY A 410 0.93 -0.10 -10.28
CA GLY A 410 0.47 0.53 -11.50
C GLY A 410 -0.65 1.53 -11.34
N MET A 411 -0.78 2.10 -10.14
CA MET A 411 -1.74 3.16 -9.93
C MET A 411 -1.07 4.37 -9.29
N ILE A 412 -1.36 5.55 -9.81
CA ILE A 412 -0.87 6.78 -9.21
C ILE A 412 -1.84 7.17 -8.10
N ARG A 413 -1.30 7.45 -6.91
CA ARG A 413 -2.14 7.98 -5.83
C ARG A 413 -2.04 9.50 -5.79
N VAL A 414 -3.13 10.19 -5.53
CA VAL A 414 -3.04 11.58 -5.12
C VAL A 414 -3.75 11.75 -3.79
N TRP A 415 -2.95 12.04 -2.78
CA TRP A 415 -3.38 12.20 -1.42
C TRP A 415 -3.54 13.68 -1.08
N ASN A 416 -4.78 14.13 -0.89
CA ASN A 416 -5.02 15.47 -0.36
C ASN A 416 -4.74 15.42 1.12
N THR A 417 -3.48 15.68 1.48
CA THR A 417 -3.01 15.46 2.83
C THR A 417 -3.60 16.46 3.82
N LEU A 418 -4.14 17.56 3.33
CA LEU A 418 -4.64 18.63 4.19
C LEU A 418 -6.16 18.66 4.25
N SER A 419 -6.79 17.61 3.73
CA SER A 419 -8.23 17.43 3.86
C SER A 419 -8.62 17.45 5.34
N ILE A 420 -9.66 18.20 5.67
CA ILE A 420 -9.99 18.47 7.07
C ILE A 420 -10.73 17.31 7.76
N LYS A 421 -11.67 16.70 7.06
CA LYS A 421 -12.49 15.64 7.66
C LYS A 421 -12.03 14.22 7.31
N ASN A 422 -10.79 14.10 6.84
CA ASN A 422 -10.32 12.83 6.27
C ASN A 422 -8.79 12.83 6.19
N ASN A 423 -8.15 12.05 7.05
CA ASN A 423 -6.70 11.93 7.04
C ASN A 423 -6.18 11.08 5.87
N TYR A 424 -7.09 10.45 5.14
CA TYR A 424 -6.71 9.61 4.00
C TYR A 424 -7.57 9.88 2.78
N ASP A 425 -7.63 11.15 2.37
CA ASP A 425 -8.33 11.52 1.16
C ASP A 425 -7.44 11.20 -0.03
N VAL A 426 -7.66 10.05 -0.65
CA VAL A 426 -6.81 9.59 -1.75
C VAL A 426 -7.62 9.27 -3.00
N LYS A 427 -7.19 9.80 -4.13
CA LYS A 427 -7.75 9.45 -5.43
C LYS A 427 -6.80 8.53 -6.19
N ASN A 428 -7.33 7.57 -6.93
CA ASN A 428 -6.51 6.66 -7.73
C ASN A 428 -6.57 7.02 -9.22
N PHE A 429 -5.45 6.86 -9.91
CA PHE A 429 -5.41 7.02 -11.36
C PHE A 429 -4.74 5.81 -12.00
N TRP A 430 -5.46 5.14 -12.89
CA TRP A 430 -4.99 3.88 -13.47
C TRP A 430 -4.86 3.93 -14.99
N GLN A 431 -5.61 4.83 -15.61
CA GLN A 431 -5.63 4.94 -17.07
C GLN A 431 -4.25 5.27 -17.64
N GLY A 432 -3.86 4.54 -18.69
CA GLY A 432 -2.59 4.76 -19.37
C GLY A 432 -1.35 4.53 -18.53
N VAL A 433 -1.48 3.79 -17.44
CA VAL A 433 -0.36 3.58 -16.53
C VAL A 433 0.19 2.15 -16.63
N LYS A 434 -0.55 1.20 -16.06
CA LYS A 434 -0.29 -0.25 -16.13
C LYS A 434 0.94 -0.73 -15.36
N SER A 435 2.10 -0.17 -15.68
CA SER A 435 3.35 -0.61 -15.07
C SER A 435 3.66 0.14 -13.78
N LYS A 436 4.74 -0.28 -13.12
CA LYS A 436 5.19 0.36 -11.88
C LYS A 436 5.55 1.83 -12.10
N VAL A 437 4.90 2.73 -11.37
CA VAL A 437 5.21 4.15 -11.48
C VAL A 437 6.45 4.47 -10.63
N THR A 438 7.57 4.64 -11.30
CA THR A 438 8.86 4.78 -10.66
C THR A 438 9.30 6.23 -10.56
N ALA A 439 8.60 7.13 -11.25
CA ALA A 439 8.95 8.54 -11.16
C ALA A 439 7.72 9.44 -11.34
N LEU A 440 7.73 10.59 -10.68
CA LEU A 440 6.61 11.53 -10.71
C LEU A 440 7.13 12.95 -10.61
N CYS A 441 6.43 13.89 -11.23
CA CYS A 441 6.74 15.30 -10.99
C CYS A 441 5.58 16.22 -11.39
N TRP A 442 5.06 16.96 -10.41
CA TRP A 442 4.05 17.97 -10.68
C TRP A 442 4.63 19.10 -11.52
N HIS A 443 3.83 19.65 -12.43
CA HIS A 443 4.19 20.88 -13.11
C HIS A 443 4.30 22.02 -12.10
N PRO A 444 5.30 22.89 -12.27
CA PRO A 444 5.56 24.04 -11.40
C PRO A 444 4.40 25.03 -11.23
N THR A 445 3.55 25.19 -12.26
CA THR A 445 2.52 26.22 -12.23
C THR A 445 1.12 25.73 -12.62
N LYS A 446 1.06 24.76 -13.52
CA LYS A 446 -0.22 24.33 -14.06
C LYS A 446 -0.92 23.31 -13.16
N GLU A 447 -2.09 23.69 -12.63
CA GLU A 447 -2.89 22.81 -11.78
C GLU A 447 -3.21 21.48 -12.47
N GLY A 448 -3.17 20.41 -11.68
CA GLY A 448 -3.55 19.09 -12.15
C GLY A 448 -2.58 18.42 -13.12
N CYS A 449 -1.54 19.14 -13.50
CA CYS A 449 -0.61 18.64 -14.51
C CYS A 449 0.50 17.83 -13.84
N LEU A 450 0.41 16.51 -13.99
CA LEU A 450 1.33 15.61 -13.30
C LEU A 450 2.07 14.73 -14.30
N ALA A 451 3.39 14.88 -14.38
CA ALA A 451 4.20 13.99 -15.21
C ALA A 451 4.46 12.69 -14.43
N PHE A 452 4.49 11.55 -15.14
CA PHE A 452 4.87 10.29 -14.51
C PHE A 452 5.73 9.43 -15.44
N GLY A 453 6.46 8.50 -14.83
CA GLY A 453 7.36 7.62 -15.55
C GLY A 453 7.32 6.23 -14.92
N THR A 454 7.49 5.22 -15.76
CA THR A 454 7.29 3.83 -15.37
C THR A 454 8.52 2.97 -15.51
N ASP A 455 8.41 1.75 -14.99
CA ASP A 455 9.50 0.78 -15.01
CA ASP A 455 9.52 0.81 -15.01
C ASP A 455 9.81 0.26 -16.42
N ASP A 456 8.87 0.44 -17.34
CA ASP A 456 9.10 0.01 -18.72
CA ASP A 456 9.06 0.01 -18.72
C ASP A 456 9.50 1.18 -19.62
N GLY A 457 9.97 2.26 -19.01
CA GLY A 457 10.50 3.38 -19.75
C GLY A 457 9.50 4.41 -20.26
N LYS A 458 8.24 4.25 -19.89
CA LYS A 458 7.20 5.13 -20.42
C LYS A 458 7.19 6.47 -19.71
N VAL A 459 6.84 7.52 -20.44
CA VAL A 459 6.70 8.86 -19.88
C VAL A 459 5.33 9.41 -20.26
N GLY A 460 4.54 9.80 -19.27
CA GLY A 460 3.19 10.25 -19.52
C GLY A 460 2.83 11.51 -18.78
N LEU A 461 1.70 12.10 -19.17
CA LEU A 461 1.26 13.35 -18.60
C LEU A 461 -0.22 13.27 -18.25
N TYR A 462 -0.52 13.43 -16.96
CA TYR A 462 -1.87 13.37 -16.44
C TYR A 462 -2.45 14.76 -16.21
N ASP A 463 -3.75 14.87 -16.44
CA ASP A 463 -4.52 16.00 -15.93
C ASP A 463 -5.44 15.45 -14.85
N THR A 464 -4.99 15.55 -13.60
CA THR A 464 -5.72 14.95 -12.48
C THR A 464 -7.01 15.69 -12.15
N TYR A 465 -7.20 16.86 -12.75
CA TYR A 465 -8.47 17.57 -12.61
C TYR A 465 -9.52 16.94 -13.52
N SER A 466 -9.09 16.12 -14.46
CA SER A 466 -10.01 15.45 -15.38
C SER A 466 -9.98 13.94 -15.18
N ASN A 467 -10.80 13.23 -15.94
CA ASN A 467 -10.76 11.78 -15.92
C ASN A 467 -10.41 11.23 -17.30
N LYS A 468 -9.97 12.12 -18.18
CA LYS A 468 -9.44 11.71 -19.46
C LYS A 468 -8.14 10.94 -19.26
N PRO A 469 -7.87 9.94 -20.12
CA PRO A 469 -6.62 9.20 -20.05
C PRO A 469 -5.42 10.12 -20.28
N PRO A 470 -4.26 9.78 -19.71
CA PRO A 470 -3.09 10.66 -19.85
C PRO A 470 -2.54 10.66 -21.27
N GLN A 471 -1.90 11.77 -21.65
CA GLN A 471 -1.11 11.80 -22.86
C GLN A 471 0.18 11.03 -22.60
N ILE A 472 0.60 10.24 -23.59
CA ILE A 472 1.80 9.42 -23.47
C ILE A 472 2.83 9.85 -24.50
N SER A 473 4.04 10.14 -24.06
CA SER A 473 5.14 10.45 -24.96
C SER A 473 5.40 9.26 -25.90
N SER A 474 5.59 9.58 -27.18
CA SER A 474 5.85 8.55 -28.19
C SER A 474 7.27 7.98 -28.07
N THR A 475 8.17 8.77 -27.49
CA THR A 475 9.54 8.33 -27.26
C THR A 475 9.64 7.65 -25.90
N TYR A 476 10.10 6.41 -25.90
CA TYR A 476 10.24 5.63 -24.67
C TYR A 476 11.69 5.54 -24.22
N HIS A 477 11.90 5.36 -22.92
CA HIS A 477 13.22 5.02 -22.38
C HIS A 477 13.42 3.50 -22.48
N LYS A 478 14.65 3.07 -22.75
CA LYS A 478 14.92 1.64 -22.87
C LYS A 478 14.77 0.96 -21.52
N LYS A 479 15.10 1.68 -20.46
CA LYS A 479 14.93 1.14 -19.11
C LYS A 479 14.09 2.07 -18.22
N THR A 480 14.01 1.71 -16.95
CA THR A 480 13.18 2.40 -15.96
C THR A 480 13.34 3.93 -15.96
N VAL A 481 12.23 4.65 -15.89
CA VAL A 481 12.28 6.10 -15.74
C VAL A 481 12.56 6.44 -14.29
N TYR A 482 13.79 6.84 -14.00
CA TYR A 482 14.19 7.11 -12.64
C TYR A 482 13.93 8.54 -12.22
N THR A 483 13.90 9.49 -13.15
CA THR A 483 13.68 10.88 -12.74
C THR A 483 12.87 11.71 -13.74
N LEU A 484 12.07 12.63 -13.23
CA LEU A 484 11.35 13.59 -14.08
C LEU A 484 11.52 14.98 -13.50
N ALA A 485 11.74 15.97 -14.35
CA ALA A 485 11.98 17.32 -13.88
C ALA A 485 11.50 18.33 -14.91
N TRP A 486 10.88 19.40 -14.47
CA TRP A 486 10.45 20.42 -15.40
C TRP A 486 11.54 21.47 -15.49
N GLY A 487 11.78 22.00 -16.67
CA GLY A 487 12.84 22.98 -16.81
C GLY A 487 12.71 23.80 -18.06
N PRO A 488 13.57 24.82 -18.23
CA PRO A 488 13.53 25.61 -19.46
C PRO A 488 13.85 24.73 -20.65
N PRO A 489 13.15 24.95 -21.78
CA PRO A 489 13.52 24.22 -22.99
C PRO A 489 14.93 24.59 -23.48
N VAL A 490 15.58 23.68 -24.19
CA VAL A 490 16.87 23.94 -24.80
C VAL A 490 16.77 23.53 -26.27
N PRO A 491 17.68 24.07 -27.12
CA PRO A 491 17.67 23.67 -28.54
C PRO A 491 17.80 22.16 -28.69
N PRO A 492 17.10 21.57 -29.68
CA PRO A 492 16.31 22.26 -30.69
C PRO A 492 14.84 22.44 -30.35
N MET A 493 14.49 22.38 -29.07
CA MET A 493 13.10 22.43 -28.66
C MET A 493 12.47 23.80 -28.92
N SER A 494 11.24 23.78 -29.44
CA SER A 494 10.47 24.99 -29.67
C SER A 494 8.98 24.65 -29.81
N SER A 503 6.16 27.09 -21.98
CA SER A 503 7.32 27.84 -21.53
C SER A 503 8.28 26.95 -20.77
N LEU A 504 7.81 25.76 -20.40
CA LEU A 504 8.65 24.76 -19.75
C LEU A 504 8.60 23.43 -20.50
N ALA A 505 9.74 22.76 -20.58
CA ALA A 505 9.84 21.44 -21.18
C ALA A 505 9.93 20.39 -20.07
N LEU A 506 9.60 19.14 -20.44
CA LEU A 506 9.67 18.03 -19.48
C LEU A 506 10.93 17.21 -19.71
N TYR A 507 11.73 17.04 -18.67
CA TYR A 507 12.95 16.23 -18.77
C TYR A 507 12.75 14.89 -18.09
N SER A 508 13.17 13.81 -18.75
CA SER A 508 13.07 12.48 -18.18
C SER A 508 14.41 11.76 -18.24
N CYS A 509 14.78 11.10 -17.14
CA CYS A 509 16.00 10.32 -17.09
C CYS A 509 15.69 8.85 -16.87
N GLY A 510 16.21 8.04 -17.78
CA GLY A 510 16.04 6.60 -17.79
C GLY A 510 17.28 5.83 -17.38
N GLY A 511 17.08 4.58 -16.97
CA GLY A 511 18.15 3.77 -16.39
C GLY A 511 19.27 3.41 -17.35
N GLU A 512 18.97 3.48 -18.65
CA GLU A 512 19.98 3.22 -19.66
C GLU A 512 20.97 4.39 -19.79
N GLY A 513 20.59 5.57 -19.28
CA GLY A 513 21.52 6.67 -19.19
C GLY A 513 21.21 7.88 -20.06
N ILE A 514 20.05 7.87 -20.70
CA ILE A 514 19.66 8.97 -21.57
C ILE A 514 18.73 9.95 -20.88
N VAL A 515 18.97 11.24 -21.05
CA VAL A 515 17.98 12.23 -20.65
C VAL A 515 17.24 12.76 -21.89
N LEU A 516 15.92 12.62 -21.88
CA LEU A 516 15.07 13.13 -22.95
C LEU A 516 14.40 14.45 -22.59
N GLN A 517 14.27 15.32 -23.59
CA GLN A 517 13.50 16.56 -23.46
C GLN A 517 12.19 16.45 -24.27
N HIS A 518 11.07 16.41 -23.57
CA HIS A 518 9.76 16.30 -24.17
C HIS A 518 9.07 17.65 -24.24
N ASN A 519 8.29 17.83 -25.31
CA ASN A 519 7.39 18.96 -25.48
C ASN A 519 6.03 18.57 -24.93
N PRO A 520 5.65 19.15 -23.78
CA PRO A 520 4.40 18.81 -23.08
C PRO A 520 3.16 19.06 -23.94
N TRP A 521 3.27 19.92 -24.94
CA TRP A 521 2.17 20.18 -25.85
C TRP A 521 2.24 19.31 -27.09
N LYS A 522 3.39 18.69 -27.32
CA LYS A 522 3.58 17.83 -28.47
C LYS A 522 4.13 16.47 -28.05
N LEU A 523 3.43 15.80 -27.15
CA LEU A 523 3.93 14.54 -26.60
C LEU A 523 3.98 13.43 -27.64
N SER A 524 3.12 13.50 -28.65
CA SER A 524 3.12 12.49 -29.71
C SER A 524 4.26 12.80 -30.67
N GLY A 525 4.78 14.01 -30.59
CA GLY A 525 5.94 14.41 -31.36
C GLY A 525 7.19 13.70 -30.88
N GLU A 526 8.34 14.13 -31.38
CA GLU A 526 9.60 13.52 -30.99
C GLU A 526 10.15 14.15 -29.71
N ALA A 527 10.88 13.36 -28.93
CA ALA A 527 11.62 13.88 -27.79
C ALA A 527 13.10 13.87 -28.13
N PHE A 528 13.85 14.83 -27.61
CA PHE A 528 15.24 14.98 -28.00
C PHE A 528 16.19 14.52 -26.90
N ASP A 529 17.18 13.72 -27.30
CA ASP A 529 18.29 13.34 -26.42
C ASP A 529 19.22 14.53 -26.24
N ILE A 530 19.28 15.08 -25.04
CA ILE A 530 20.07 16.31 -24.83
C ILE A 530 21.58 16.08 -24.97
N ASN A 531 21.98 14.82 -25.08
CA ASN A 531 23.40 14.49 -25.27
C ASN A 531 23.96 15.09 -26.56
N LYS A 532 23.13 15.22 -27.59
CA LYS A 532 23.56 15.87 -28.83
C LYS A 532 23.95 17.32 -28.56
N LEU A 533 23.08 18.04 -27.86
CA LEU A 533 23.35 19.43 -27.52
C LEU A 533 24.57 19.57 -26.60
N ILE A 534 24.68 18.70 -25.60
CA ILE A 534 25.82 18.72 -24.69
C ILE A 534 27.10 18.56 -25.49
N ARG A 535 27.16 17.47 -26.25
CA ARG A 535 28.26 17.14 -27.16
C ARG A 535 28.66 18.31 -28.05
N ASP A 536 27.68 18.91 -28.73
CA ASP A 536 27.99 20.01 -29.64
C ASP A 536 28.53 21.22 -28.90
N THR A 537 27.88 21.57 -27.79
CA THR A 537 28.21 22.78 -27.05
C THR A 537 29.59 22.69 -26.42
N ASN A 538 29.97 21.47 -26.03
CA ASN A 538 31.21 21.27 -25.29
C ASN A 538 32.29 20.55 -26.09
N SER A 539 32.01 20.26 -27.36
CA SER A 539 32.98 19.67 -28.30
C SER A 539 33.60 18.37 -27.81
N ILE A 540 32.76 17.43 -27.41
CA ILE A 540 33.23 16.19 -26.80
C ILE A 540 33.49 15.08 -27.83
N LYS A 541 34.51 14.26 -27.60
CA LYS A 541 34.89 13.21 -28.54
C LYS A 541 34.48 11.84 -28.04
N TYR A 542 34.97 11.49 -26.85
CA TYR A 542 34.73 10.19 -26.25
C TYR A 542 33.25 9.99 -25.90
N LYS A 543 32.89 8.79 -25.48
CA LYS A 543 31.50 8.49 -25.14
C LYS A 543 31.04 9.29 -23.92
N LEU A 544 29.86 9.91 -24.01
CA LEU A 544 29.30 10.66 -22.89
C LEU A 544 28.96 9.73 -21.73
N PRO A 545 29.03 10.25 -20.50
CA PRO A 545 28.70 9.41 -19.34
C PRO A 545 27.22 8.99 -19.30
N VAL A 546 26.98 7.86 -18.64
CA VAL A 546 25.63 7.37 -18.40
C VAL A 546 24.93 8.22 -17.34
N HIS A 547 23.91 8.99 -17.73
CA HIS A 547 23.18 9.85 -16.79
C HIS A 547 22.17 9.07 -15.94
N THR A 548 22.22 9.26 -14.63
CA THR A 548 21.38 8.52 -13.70
C THR A 548 20.46 9.40 -12.86
N GLU A 549 20.65 10.71 -12.95
CA GLU A 549 19.85 11.67 -12.19
C GLU A 549 19.93 13.01 -12.87
N ILE A 550 18.83 13.74 -12.88
CA ILE A 550 18.82 15.11 -13.34
C ILE A 550 18.09 15.98 -12.32
N SER A 551 18.65 17.15 -12.02
CA SER A 551 18.02 18.08 -11.08
C SER A 551 18.28 19.52 -11.48
N TRP A 552 17.20 20.25 -11.76
CA TRP A 552 17.29 21.67 -12.11
C TRP A 552 17.41 22.56 -10.88
N LYS A 553 18.30 23.55 -10.96
CA LYS A 553 18.38 24.60 -9.94
C LYS A 553 17.02 25.29 -9.84
N ALA A 554 16.69 25.80 -8.66
CA ALA A 554 15.38 26.39 -8.40
C ALA A 554 15.05 27.56 -9.33
N ASP A 555 16.08 28.28 -9.77
CA ASP A 555 15.91 29.40 -10.70
C ASP A 555 15.78 28.95 -12.16
N GLY A 556 16.05 27.68 -12.43
CA GLY A 556 16.01 27.17 -13.80
C GLY A 556 17.12 27.73 -14.68
N LYS A 557 18.29 27.97 -14.10
CA LYS A 557 19.43 28.47 -14.87
C LYS A 557 20.52 27.43 -14.95
N ILE A 558 20.45 26.44 -14.06
CA ILE A 558 21.48 25.44 -13.95
C ILE A 558 20.89 24.04 -13.86
N MET A 559 21.45 23.12 -14.64
CA MET A 559 21.03 21.73 -14.63
C MET A 559 22.15 20.85 -14.14
N ALA A 560 21.87 20.03 -13.14
CA ALA A 560 22.86 19.08 -12.66
C ALA A 560 22.49 17.68 -13.16
N LEU A 561 23.49 16.95 -13.65
CA LEU A 561 23.29 15.56 -14.04
C LEU A 561 24.16 14.67 -13.17
N GLY A 562 23.56 13.69 -12.52
CA GLY A 562 24.35 12.70 -11.82
C GLY A 562 24.65 11.62 -12.82
N ASN A 563 25.75 10.92 -12.65
CA ASN A 563 26.11 9.85 -13.58
C ASN A 563 26.43 8.55 -12.86
N GLU A 564 26.51 7.48 -13.64
CA GLU A 564 26.76 6.14 -13.13
C GLU A 564 28.15 5.98 -12.47
N ASP A 565 29.11 6.80 -12.89
CA ASP A 565 30.45 6.69 -12.33
C ASP A 565 30.61 7.53 -11.05
N GLY A 566 29.54 8.22 -10.67
CA GLY A 566 29.56 8.99 -9.44
C GLY A 566 29.73 10.47 -9.65
N SER A 567 30.20 10.86 -10.82
CA SER A 567 30.41 12.26 -11.11
C SER A 567 29.09 13.01 -11.24
N ILE A 568 29.10 14.30 -10.96
CA ILE A 568 27.95 15.15 -11.19
C ILE A 568 28.37 16.32 -12.06
N GLU A 569 27.64 16.58 -13.14
CA GLU A 569 28.03 17.65 -14.05
C GLU A 569 27.04 18.82 -13.99
N ILE A 570 27.59 20.02 -14.05
CA ILE A 570 26.84 21.26 -13.87
C ILE A 570 26.80 22.05 -15.17
N PHE A 571 25.61 22.17 -15.76
CA PHE A 571 25.44 22.85 -17.04
C PHE A 571 24.62 24.13 -16.88
N GLN A 572 24.94 25.14 -17.67
CA GLN A 572 24.14 26.37 -17.64
C GLN A 572 23.35 26.54 -18.93
N ILE A 573 22.21 27.22 -18.82
CA ILE A 573 21.36 27.50 -19.96
C ILE A 573 22.05 28.58 -20.81
N PRO A 574 21.67 28.70 -22.09
CA PRO A 574 20.63 27.96 -22.82
C PRO A 574 21.14 26.71 -23.55
N ASN A 575 22.44 26.49 -23.58
CA ASN A 575 23.01 25.46 -24.44
C ASN A 575 23.60 24.25 -23.72
N LEU A 576 23.45 24.21 -22.41
CA LEU A 576 24.05 23.17 -21.58
C LEU A 576 25.58 23.17 -21.72
N LYS A 577 26.16 24.35 -21.52
CA LYS A 577 27.60 24.50 -21.45
C LYS A 577 28.12 23.99 -20.11
N LEU A 578 29.03 23.03 -20.15
CA LEU A 578 29.59 22.49 -18.92
C LEU A 578 30.46 23.55 -18.24
N ILE A 579 30.15 23.85 -16.99
CA ILE A 579 30.93 24.82 -16.23
C ILE A 579 31.62 24.19 -15.05
N CYS A 580 31.21 22.97 -14.69
CA CYS A 580 31.77 22.32 -13.52
C CYS A 580 31.51 20.81 -13.50
N THR A 581 32.51 20.05 -13.07
CA THR A 581 32.33 18.64 -12.79
C THR A 581 32.71 18.38 -11.34
N ILE A 582 31.86 17.64 -10.64
CA ILE A 582 32.07 17.28 -9.24
C ILE A 582 32.42 15.81 -9.13
N GLN A 583 33.58 15.54 -8.54
CA GLN A 583 34.06 14.18 -8.31
C GLN A 583 34.10 13.90 -6.81
N GLN A 584 33.08 13.23 -6.30
CA GLN A 584 33.00 12.95 -4.87
C GLN A 584 32.47 11.54 -4.62
N HIS A 585 31.32 11.22 -5.20
CA HIS A 585 30.81 9.86 -5.14
C HIS A 585 31.63 9.01 -6.10
N HIS A 586 31.76 7.73 -5.81
CA HIS A 586 32.46 6.84 -6.73
C HIS A 586 31.55 5.67 -7.08
N LYS A 587 30.26 5.88 -6.85
CA LYS A 587 29.22 4.95 -7.30
C LYS A 587 28.07 5.76 -7.88
N LEU A 588 27.18 5.08 -8.62
CA LEU A 588 26.03 5.69 -9.27
C LEU A 588 25.30 6.73 -8.41
N VAL A 589 25.03 7.89 -8.99
CA VAL A 589 24.27 8.92 -8.28
C VAL A 589 22.77 8.63 -8.33
N ASN A 590 22.15 8.46 -7.17
CA ASN A 590 20.72 8.19 -7.10
C ASN A 590 19.89 9.46 -6.97
N THR A 591 20.45 10.46 -6.30
CA THR A 591 19.62 11.62 -6.00
C THR A 591 20.41 12.91 -5.88
N ILE A 592 19.79 13.98 -6.38
CA ILE A 592 20.36 15.33 -6.29
C ILE A 592 19.24 16.33 -5.96
N SER A 593 19.50 17.23 -5.03
CA SER A 593 18.51 18.25 -4.71
C SER A 593 19.12 19.62 -4.46
N TRP A 594 18.56 20.65 -5.09
CA TRP A 594 19.00 22.03 -4.86
C TRP A 594 18.15 22.69 -3.78
N HIS A 595 18.82 23.30 -2.82
CA HIS A 595 18.17 24.09 -1.77
C HIS A 595 17.21 25.14 -2.38
N HIS A 596 16.14 25.44 -1.64
CA HIS A 596 15.15 26.43 -2.06
C HIS A 596 15.66 27.87 -1.96
N GLU A 597 14.88 28.82 -2.48
CA GLU A 597 15.31 30.21 -2.58
C GLU A 597 14.64 31.18 -1.62
N HIS A 598 14.05 30.66 -0.53
CA HIS A 598 13.39 31.55 0.42
C HIS A 598 13.91 31.37 1.84
N GLY A 599 15.20 31.14 1.98
CA GLY A 599 15.84 31.05 3.27
C GLY A 599 16.27 32.43 3.74
N SER A 600 16.96 32.50 4.87
CA SER A 600 17.43 33.77 5.40
C SER A 600 18.56 34.35 4.53
N GLN A 601 19.40 33.47 4.01
CA GLN A 601 20.49 33.87 3.14
C GLN A 601 20.24 33.39 1.71
N PRO A 602 20.40 34.29 0.73
CA PRO A 602 20.19 33.92 -0.68
C PRO A 602 21.22 32.90 -1.15
N GLU A 603 22.44 33.02 -0.63
CA GLU A 603 23.55 32.14 -0.98
C GLU A 603 23.17 30.66 -0.88
N LEU A 604 22.27 30.35 0.06
CA LEU A 604 21.85 28.98 0.30
C LEU A 604 21.29 28.31 -0.96
N SER A 605 20.76 29.10 -1.88
CA SER A 605 20.19 28.55 -3.10
C SER A 605 21.24 27.90 -4.01
N TYR A 606 22.52 28.05 -3.65
CA TYR A 606 23.60 27.42 -4.41
C TYR A 606 24.03 26.11 -3.76
N LEU A 607 23.34 25.74 -2.70
CA LEU A 607 23.63 24.49 -2.02
C LEU A 607 23.00 23.32 -2.77
N MET A 608 23.78 22.26 -2.95
CA MET A 608 23.35 21.09 -3.70
C MET A 608 23.68 19.81 -2.96
N ALA A 609 22.65 19.08 -2.53
CA ALA A 609 22.85 17.82 -1.83
C ALA A 609 22.81 16.63 -2.78
N SER A 610 23.62 15.61 -2.51
CA SER A 610 23.66 14.46 -3.40
C SER A 610 23.94 13.16 -2.68
N GLY A 611 23.26 12.12 -3.16
CA GLY A 611 23.33 10.78 -2.64
C GLY A 611 23.52 9.77 -3.75
N SER A 612 24.25 8.72 -3.43
CA SER A 612 24.68 7.71 -4.38
C SER A 612 24.58 6.32 -3.74
N ASN A 613 25.14 5.31 -4.40
CA ASN A 613 25.11 3.95 -3.83
C ASN A 613 26.06 3.76 -2.63
N ASN A 614 26.91 4.73 -2.36
CA ASN A 614 27.63 4.74 -1.08
C ASN A 614 26.75 5.37 -0.03
N ALA A 615 27.07 5.15 1.24
CA ALA A 615 26.19 5.58 2.33
C ALA A 615 26.41 7.03 2.70
N VAL A 616 27.53 7.61 2.30
CA VAL A 616 27.86 8.97 2.70
C VAL A 616 27.21 9.98 1.76
N ILE A 617 26.68 11.07 2.33
CA ILE A 617 26.02 12.10 1.54
C ILE A 617 26.92 13.31 1.42
N TYR A 618 26.88 14.00 0.27
CA TYR A 618 27.66 15.22 0.20
C TYR A 618 26.80 16.44 -0.07
N VAL A 619 27.28 17.59 0.35
CA VAL A 619 26.70 18.87 -0.06
C VAL A 619 27.79 19.69 -0.71
N HIS A 620 27.49 20.27 -1.87
CA HIS A 620 28.43 21.12 -2.57
C HIS A 620 27.86 22.52 -2.75
N ASN A 621 28.71 23.53 -2.67
CA ASN A 621 28.30 24.93 -2.82
C ASN A 621 28.84 25.49 -4.13
N LEU A 622 27.94 25.80 -5.04
CA LEU A 622 28.33 26.14 -6.40
C LEU A 622 28.20 27.64 -6.65
N LYS A 623 28.26 28.44 -5.58
CA LYS A 623 28.20 29.88 -5.71
C LYS A 623 29.36 30.40 -6.56
N THR A 624 30.57 30.03 -6.16
CA THR A 624 31.79 30.48 -6.80
C THR A 624 31.84 30.12 -8.28
N VAL A 625 31.71 28.83 -8.57
CA VAL A 625 31.83 28.35 -9.95
C VAL A 625 30.72 28.93 -10.86
N ILE A 626 29.50 29.03 -10.34
CA ILE A 626 28.39 29.53 -11.14
C ILE A 626 28.54 31.03 -11.39
N GLU A 627 28.99 31.77 -10.38
CA GLU A 627 29.14 33.22 -10.54
C GLU A 627 30.34 33.59 -11.41
N SER A 628 31.42 32.81 -11.32
CA SER A 628 32.59 33.05 -12.15
C SER A 628 32.32 32.75 -13.62
N SER A 629 31.48 31.77 -13.88
CA SER A 629 31.05 31.41 -15.24
C SER A 629 32.22 31.17 -16.19
N PRO A 630 33.00 30.10 -15.95
CA PRO A 630 34.24 29.81 -16.68
C PRO A 630 34.04 29.32 -18.12
N GLU A 631 35.03 29.60 -18.97
CA GLU A 631 35.00 29.19 -20.38
C GLU A 631 35.37 27.72 -20.54
N SER A 632 36.16 27.21 -19.61
CA SER A 632 36.41 25.78 -19.51
C SER A 632 36.03 25.31 -18.11
N PRO A 633 35.37 24.14 -18.03
CA PRO A 633 34.82 23.62 -16.77
C PRO A 633 35.83 23.45 -15.65
N VAL A 634 35.36 23.60 -14.42
CA VAL A 634 36.16 23.36 -13.22
C VAL A 634 35.89 21.96 -12.71
N THR A 635 36.92 21.29 -12.20
CA THR A 635 36.68 20.04 -11.50
C THR A 635 36.73 20.28 -10.00
N ILE A 636 35.63 19.98 -9.33
CA ILE A 636 35.56 20.09 -7.87
C ILE A 636 35.77 18.70 -7.29
N THR A 637 36.68 18.59 -6.31
CA THR A 637 36.99 17.31 -5.70
C THR A 637 36.88 17.32 -4.18
N GLU A 638 36.38 18.42 -3.62
CA GLU A 638 36.20 18.52 -2.17
C GLU A 638 34.80 18.99 -1.80
N PRO A 639 34.15 18.28 -0.87
CA PRO A 639 32.78 18.61 -0.48
C PRO A 639 32.71 19.84 0.40
N TYR A 640 31.62 20.61 0.25
CA TYR A 640 31.37 21.74 1.12
C TYR A 640 30.90 21.23 2.49
N ARG A 641 30.05 20.20 2.47
CA ARG A 641 29.66 19.51 3.70
C ARG A 641 29.64 18.00 3.47
N THR A 642 29.88 17.25 4.54
CA THR A 642 29.91 15.79 4.47
C THR A 642 29.03 15.16 5.54
N LEU A 643 27.97 14.47 5.11
CA LEU A 643 27.01 13.88 6.05
C LEU A 643 27.14 12.36 6.11
N SER A 644 27.79 11.89 7.18
CA SER A 644 27.99 10.45 7.41
C SER A 644 27.02 9.92 8.46
N GLY A 645 26.68 8.64 8.36
CA GLY A 645 25.74 8.04 9.29
C GLY A 645 25.00 6.82 8.76
N HIS A 646 24.47 6.92 7.55
CA HIS A 646 23.75 5.81 6.95
C HIS A 646 24.73 4.65 6.75
N THR A 647 24.19 3.44 6.60
CA THR A 647 25.04 2.28 6.38
C THR A 647 24.69 1.57 5.10
N ALA A 648 23.94 2.25 4.23
CA ALA A 648 23.55 1.67 2.93
C ALA A 648 23.25 2.78 1.92
N LYS A 649 22.88 2.40 0.70
CA LYS A 649 22.75 3.37 -0.38
C LYS A 649 21.73 4.45 -0.08
N ILE A 650 21.93 5.63 -0.67
CA ILE A 650 21.03 6.75 -0.50
C ILE A 650 20.12 6.84 -1.73
N THR A 651 18.80 6.83 -1.53
CA THR A 651 17.85 6.82 -2.65
C THR A 651 17.27 8.19 -2.92
N SER A 652 17.21 9.03 -1.89
CA SER A 652 16.53 10.31 -2.02
C SER A 652 16.99 11.28 -0.97
N VAL A 653 17.23 12.52 -1.37
CA VAL A 653 17.46 13.59 -0.41
C VAL A 653 16.51 14.74 -0.71
N ALA A 654 16.14 15.48 0.33
CA ALA A 654 15.22 16.61 0.18
C ALA A 654 15.53 17.69 1.22
N TRP A 655 15.42 18.95 0.80
CA TRP A 655 15.64 20.07 1.70
C TRP A 655 14.33 20.50 2.33
N SER A 656 14.36 20.80 3.63
CA SER A 656 13.20 21.39 4.28
C SER A 656 12.95 22.78 3.72
N PRO A 657 11.71 23.04 3.27
CA PRO A 657 11.32 24.38 2.83
C PRO A 657 11.07 25.32 4.01
N HIS A 658 11.24 24.82 5.23
CA HIS A 658 10.92 25.58 6.44
C HIS A 658 12.17 26.06 7.19
N HIS A 659 13.32 25.51 6.82
CA HIS A 659 14.56 25.81 7.53
C HIS A 659 15.67 26.25 6.57
N ASP A 660 16.83 26.56 7.15
CA ASP A 660 18.02 26.83 6.37
C ASP A 660 18.94 25.63 6.45
N GLY A 661 19.24 25.03 5.30
CA GLY A 661 20.18 23.93 5.24
C GLY A 661 19.79 22.72 6.05
N ARG A 662 18.50 22.43 6.09
CA ARG A 662 18.03 21.21 6.78
C ARG A 662 17.65 20.15 5.76
N LEU A 663 18.30 18.99 5.86
CA LEU A 663 18.15 17.98 4.83
C LEU A 663 17.58 16.68 5.39
N VAL A 664 16.65 16.07 4.67
CA VAL A 664 16.27 14.71 5.02
C VAL A 664 16.73 13.76 3.92
N SER A 665 17.20 12.61 4.32
CA SER A 665 17.70 11.63 3.39
C SER A 665 17.00 10.30 3.63
N ALA A 666 16.77 9.56 2.55
CA ALA A 666 16.21 8.21 2.65
C ALA A 666 17.26 7.21 2.20
N SER A 667 17.34 6.10 2.93
CA SER A 667 18.41 5.13 2.72
C SER A 667 17.90 3.71 2.69
N TYR A 668 18.66 2.86 2.02
CA TYR A 668 18.44 1.42 2.03
C TYR A 668 18.70 0.79 3.40
N ASP A 669 19.19 1.57 4.36
CA ASP A 669 19.41 1.02 5.70
C ASP A 669 18.12 0.99 6.51
N GLY A 670 17.02 1.39 5.87
CA GLY A 670 15.69 1.29 6.47
C GLY A 670 15.28 2.47 7.32
N THR A 671 15.97 3.60 7.15
CA THR A 671 15.75 4.75 8.01
C THR A 671 15.75 6.02 7.19
N ALA A 672 15.05 7.04 7.68
CA ALA A 672 15.18 8.38 7.11
C ALA A 672 15.90 9.27 8.11
N GLN A 673 16.96 9.94 7.68
CA GLN A 673 17.72 10.80 8.59
C GLN A 673 17.56 12.28 8.28
N VAL A 674 17.25 13.06 9.31
CA VAL A 674 17.17 14.51 9.23
C VAL A 674 18.45 15.11 9.82
N TRP A 675 19.12 15.91 9.00
CA TRP A 675 20.41 16.54 9.28
C TRP A 675 20.35 18.06 9.28
N ASP A 676 21.12 18.67 10.17
CA ASP A 676 21.53 20.05 9.98
C ASP A 676 22.77 20.01 9.08
N ALA A 677 22.58 20.27 7.79
CA ALA A 677 23.65 20.09 6.81
C ALA A 677 24.82 21.06 7.05
N LEU A 678 24.50 22.32 7.32
CA LEU A 678 25.52 23.31 7.58
C LEU A 678 26.42 22.90 8.74
N ARG A 679 25.81 22.41 9.82
CA ARG A 679 26.55 21.98 11.00
C ARG A 679 27.02 20.55 10.90
N GLU A 680 26.65 19.88 9.81
CA GLU A 680 26.91 18.45 9.64
C GLU A 680 26.36 17.67 10.83
N GLU A 681 25.25 18.16 11.38
CA GLU A 681 24.65 17.58 12.58
C GLU A 681 23.45 16.69 12.25
N PRO A 682 23.53 15.41 12.62
CA PRO A 682 22.44 14.42 12.52
C PRO A 682 21.35 14.66 13.56
N LEU A 683 20.25 15.33 13.17
CA LEU A 683 19.18 15.70 14.10
C LEU A 683 18.30 14.52 14.51
N CYS A 684 17.57 13.92 13.58
CA CYS A 684 16.72 12.81 14.01
C CYS A 684 16.53 11.69 12.98
N ASN A 685 16.34 10.48 13.49
CA ASN A 685 16.29 9.28 12.67
C ASN A 685 14.93 8.58 12.79
N PHE A 686 14.27 8.35 11.65
CA PHE A 686 12.99 7.66 11.62
C PHE A 686 13.16 6.20 11.18
N ARG A 687 12.68 5.28 12.01
CA ARG A 687 12.91 3.86 11.80
C ARG A 687 11.63 3.05 11.64
N GLY A 688 10.53 3.74 11.39
CA GLY A 688 9.21 3.10 11.29
C GLY A 688 9.00 2.15 10.12
N HIS A 689 9.80 2.30 9.06
CA HIS A 689 9.72 1.38 7.92
C HIS A 689 10.34 0.03 8.25
N ARG A 690 9.83 -1.03 7.64
CA ARG A 690 10.45 -2.33 7.76
C ARG A 690 11.18 -2.72 6.49
N GLY A 691 11.18 -1.83 5.51
CA GLY A 691 11.91 -2.06 4.29
C GLY A 691 12.92 -0.97 3.96
N ARG A 692 13.42 -1.02 2.74
CA ARG A 692 14.38 -0.04 2.24
C ARG A 692 13.65 1.20 1.71
N LEU A 693 14.05 2.37 2.19
CA LEU A 693 13.41 3.61 1.77
C LEU A 693 13.80 3.99 0.34
N LEU A 694 12.80 4.44 -0.41
CA LEU A 694 12.96 4.77 -1.82
C LEU A 694 12.68 6.25 -2.03
N CYS A 695 11.91 6.86 -1.14
CA CYS A 695 11.60 8.26 -1.38
C CYS A 695 11.23 8.99 -0.10
N VAL A 696 11.37 10.32 -0.13
CA VAL A 696 11.08 11.13 1.03
C VAL A 696 10.72 12.55 0.57
N ALA A 697 9.78 13.18 1.25
CA ALA A 697 9.32 14.52 0.92
C ALA A 697 8.86 15.26 2.17
N TRP A 698 9.32 16.50 2.34
CA TRP A 698 8.93 17.30 3.50
C TRP A 698 7.50 17.81 3.33
N SER A 699 6.74 17.83 4.42
CA SER A 699 5.42 18.45 4.40
C SER A 699 5.54 19.92 4.03
N PRO A 700 4.59 20.43 3.25
CA PRO A 700 4.72 21.85 2.87
C PRO A 700 4.29 22.81 3.98
N LEU A 701 3.39 22.39 4.86
CA LEU A 701 2.84 23.29 5.87
C LEU A 701 3.41 23.08 7.27
N ASP A 702 3.96 21.89 7.53
CA ASP A 702 4.34 21.53 8.88
C ASP A 702 5.80 21.13 8.96
N PRO A 703 6.63 22.01 9.56
CA PRO A 703 8.08 21.85 9.68
C PRO A 703 8.47 20.57 10.41
N ASP A 704 7.51 19.98 11.14
CA ASP A 704 7.79 18.81 11.97
C ASP A 704 7.48 17.51 11.23
N CYS A 705 6.71 17.64 10.14
CA CYS A 705 6.18 16.49 9.42
C CYS A 705 6.92 16.14 8.15
N ILE A 706 7.25 14.85 8.00
CA ILE A 706 7.85 14.35 6.78
C ILE A 706 7.12 13.10 6.29
N TYR A 707 7.08 12.90 4.98
CA TYR A 707 6.53 11.70 4.38
C TYR A 707 7.64 10.88 3.76
N SER A 708 7.64 9.57 4.00
CA SER A 708 8.61 8.68 3.35
C SER A 708 7.93 7.44 2.77
N GLY A 709 8.59 6.81 1.80
CA GLY A 709 8.10 5.61 1.16
C GLY A 709 9.20 4.60 0.92
N ALA A 710 8.82 3.32 0.99
CA ALA A 710 9.75 2.21 1.01
C ALA A 710 9.24 1.00 0.23
N ASP A 711 10.06 -0.03 0.10
CA ASP A 711 9.63 -1.26 -0.57
C ASP A 711 8.89 -2.18 0.38
N ASP A 712 8.38 -1.61 1.47
CA ASP A 712 7.50 -2.36 2.36
C ASP A 712 6.03 -2.06 2.03
N PHE A 713 5.81 -1.41 0.91
CA PHE A 713 4.45 -1.02 0.47
C PHE A 713 3.82 -0.01 1.43
N CYS A 714 4.64 0.73 2.18
CA CYS A 714 4.13 1.73 3.12
C CYS A 714 4.55 3.16 2.80
N VAL A 715 3.61 4.08 2.95
CA VAL A 715 3.98 5.48 3.04
C VAL A 715 3.74 5.92 4.48
N HIS A 716 4.78 6.43 5.15
CA HIS A 716 4.61 6.97 6.49
C HIS A 716 4.63 8.49 6.51
N LYS A 717 3.71 9.07 7.25
CA LYS A 717 3.80 10.46 7.66
C LYS A 717 4.24 10.45 9.10
N TRP A 718 5.40 11.04 9.39
CA TRP A 718 5.94 11.04 10.75
C TRP A 718 6.41 12.42 11.23
N LEU A 719 6.48 12.58 12.54
CA LEU A 719 6.89 13.83 13.15
C LEU A 719 8.35 13.78 13.57
N THR A 720 9.13 14.77 13.15
CA THR A 720 10.52 14.87 13.59
C THR A 720 10.62 15.00 15.11
N SER A 721 9.61 15.63 15.71
CA SER A 721 9.59 15.83 17.16
C SER A 721 9.29 14.55 17.95
N MET A 722 8.65 13.57 17.30
CA MET A 722 8.35 12.31 17.94
C MET A 722 9.52 11.35 17.79
N GLN A 723 10.55 11.79 17.08
CA GLN A 723 11.73 10.96 16.90
C GLN A 723 12.79 11.29 17.94
N ASP A 724 13.10 10.32 18.78
CA ASP A 724 14.10 10.50 19.82
C ASP A 724 15.50 10.11 19.34
N HIS A 725 15.59 9.04 18.53
CA HIS A 725 16.87 8.60 17.97
C HIS A 725 17.50 9.70 17.12
N SER A 726 18.79 9.90 17.29
CA SER A 726 19.48 11.03 16.67
CA SER A 726 19.45 11.04 16.66
C SER A 726 20.15 10.67 15.35
N ARG A 727 20.58 9.41 15.25
CA ARG A 727 21.33 9.00 14.06
C ARG A 727 20.90 7.63 13.59
N PRO A 728 21.31 7.24 12.36
CA PRO A 728 20.99 5.88 11.92
C PRO A 728 21.62 4.85 12.84
N PRO A 729 21.12 3.61 12.81
CA PRO A 729 21.78 2.53 13.53
C PRO A 729 23.24 2.39 13.08
N GLN A 730 24.12 2.08 14.02
CA GLN A 730 25.54 1.94 13.70
C GLN A 730 26.00 0.50 13.94
#